data_1VFY
# 
_entry.id   1VFY 
# 
_audit_conform.dict_name       mmcif_pdbx.dic 
_audit_conform.dict_version    5.383 
_audit_conform.dict_location   http://mmcif.pdb.org/dictionaries/ascii/mmcif_pdbx.dic 
# 
loop_
_database_2.database_id 
_database_2.database_code 
_database_2.pdbx_database_accession 
_database_2.pdbx_DOI 
PDB   1VFY         pdb_00001vfy 10.2210/pdb1vfy/pdb 
RCSB  RCSB000947   ?            ?                   
WWPDB D_1000000947 ?            ?                   
# 
loop_
_pdbx_audit_revision_history.ordinal 
_pdbx_audit_revision_history.data_content_type 
_pdbx_audit_revision_history.major_revision 
_pdbx_audit_revision_history.minor_revision 
_pdbx_audit_revision_history.revision_date 
1 'Structure model' 1 0 1999-05-06 
2 'Structure model' 1 1 2007-10-16 
3 'Structure model' 1 2 2011-07-13 
4 'Structure model' 1 3 2021-11-03 
5 'Structure model' 1 4 2023-12-27 
# 
_pdbx_audit_revision_details.ordinal             1 
_pdbx_audit_revision_details.revision_ordinal    1 
_pdbx_audit_revision_details.data_content_type   'Structure model' 
_pdbx_audit_revision_details.provider            repository 
_pdbx_audit_revision_details.type                'Initial release' 
_pdbx_audit_revision_details.description         ? 
_pdbx_audit_revision_details.details             ? 
# 
loop_
_pdbx_audit_revision_group.ordinal 
_pdbx_audit_revision_group.revision_ordinal 
_pdbx_audit_revision_group.data_content_type 
_pdbx_audit_revision_group.group 
1 2 'Structure model' 'Version format compliance' 
2 3 'Structure model' 'Version format compliance' 
3 4 'Structure model' 'Database references'       
4 4 'Structure model' 'Derived calculations'      
5 5 'Structure model' 'Data collection'           
# 
loop_
_pdbx_audit_revision_category.ordinal 
_pdbx_audit_revision_category.revision_ordinal 
_pdbx_audit_revision_category.data_content_type 
_pdbx_audit_revision_category.category 
1 4 'Structure model' database_2         
2 4 'Structure model' struct_ref_seq_dif 
3 4 'Structure model' struct_site        
4 5 'Structure model' chem_comp_atom     
5 5 'Structure model' chem_comp_bond     
# 
loop_
_pdbx_audit_revision_item.ordinal 
_pdbx_audit_revision_item.revision_ordinal 
_pdbx_audit_revision_item.data_content_type 
_pdbx_audit_revision_item.item 
1 4 'Structure model' '_database_2.pdbx_DOI'                
2 4 'Structure model' '_database_2.pdbx_database_accession' 
3 4 'Structure model' '_struct_ref_seq_dif.details'         
4 4 'Structure model' '_struct_site.pdbx_auth_asym_id'      
5 4 'Structure model' '_struct_site.pdbx_auth_comp_id'      
6 4 'Structure model' '_struct_site.pdbx_auth_seq_id'       
# 
_pdbx_database_status.status_code                     REL 
_pdbx_database_status.entry_id                        1VFY 
_pdbx_database_status.recvd_initial_deposition_date   1999-04-26 
_pdbx_database_status.deposit_site                    BNL 
_pdbx_database_status.process_site                    RCSB 
_pdbx_database_status.status_code_sf                  REL 
_pdbx_database_status.SG_entry                        . 
_pdbx_database_status.pdb_format_compatible           Y 
_pdbx_database_status.status_code_mr                  ? 
_pdbx_database_status.status_code_cs                  ? 
_pdbx_database_status.status_code_nmr_data            ? 
_pdbx_database_status.methods_development_category    ? 
# 
loop_
_audit_author.name 
_audit_author.pdbx_ordinal 
'Hurley, J.H.' 1 
'Misra, S.'    2 
# 
_citation.id                        primary 
_citation.title                     
'Crystal structure of a phosphatidylinositol 3-phosphate-specific membrane-targeting motif, the FYVE domain of Vps27p.' 
_citation.journal_abbrev            'Cell(Cambridge,Mass.)' 
_citation.journal_volume            97 
_citation.page_first                657 
_citation.page_last                 666 
_citation.year                      1999 
_citation.journal_id_ASTM           CELLB5 
_citation.country                   US 
_citation.journal_id_ISSN           0092-8674 
_citation.journal_id_CSD            0998 
_citation.book_publisher            ? 
_citation.pdbx_database_id_PubMed   10367894 
_citation.pdbx_database_id_DOI      '10.1016/S0092-8674(00)80776-X' 
# 
loop_
_citation_author.citation_id 
_citation_author.name 
_citation_author.ordinal 
_citation_author.identifier_ORCID 
primary 'Misra, S.'    1 ? 
primary 'Hurley, J.H.' 2 ? 
# 
loop_
_entity.id 
_entity.type 
_entity.src_method 
_entity.pdbx_description 
_entity.formula_weight 
_entity.pdbx_number_of_molecules 
_entity.pdbx_ec 
_entity.pdbx_mutation 
_entity.pdbx_fragment 
_entity.details 
1 polymer     man 'PHOSPHATIDYLINOSITOL-3-PHOSPHATE BINDING FYVE DOMAIN OF PROTEIN VPS27' 8271.317 1   ? 
'6 RESIDUES (EFIVTD) INSERTED AT C-TERMINUS' '163-229, FYVE DOMAIN' ? 
2 non-polymer syn 'ZINC ION'                                                              65.409   2   ? ? ?                      
? 
3 water       nat water                                                                   18.015   109 ? ? ?                      
? 
# 
_entity_poly.entity_id                      1 
_entity_poly.type                           'polypeptide(L)' 
_entity_poly.nstd_linkage                   no 
_entity_poly.nstd_monomer                   no 
_entity_poly.pdbx_seq_one_letter_code       DSKTPADWIDSDACMICSKKFSLLNRKHHCRSCGGVFCQEHSSNSIPLPDLGIYEPVRVCDSCFEDYEFIVTD 
_entity_poly.pdbx_seq_one_letter_code_can   DSKTPADWIDSDACMICSKKFSLLNRKHHCRSCGGVFCQEHSSNSIPLPDLGIYEPVRVCDSCFEDYEFIVTD 
_entity_poly.pdbx_strand_id                 A 
_entity_poly.pdbx_target_identifier         ? 
# 
loop_
_pdbx_entity_nonpoly.entity_id 
_pdbx_entity_nonpoly.name 
_pdbx_entity_nonpoly.comp_id 
2 'ZINC ION' ZN  
3 water      HOH 
# 
loop_
_entity_poly_seq.entity_id 
_entity_poly_seq.num 
_entity_poly_seq.mon_id 
_entity_poly_seq.hetero 
1 1  ASP n 
1 2  SER n 
1 3  LYS n 
1 4  THR n 
1 5  PRO n 
1 6  ALA n 
1 7  ASP n 
1 8  TRP n 
1 9  ILE n 
1 10 ASP n 
1 11 SER n 
1 12 ASP n 
1 13 ALA n 
1 14 CYS n 
1 15 MET n 
1 16 ILE n 
1 17 CYS n 
1 18 SER n 
1 19 LYS n 
1 20 LYS n 
1 21 PHE n 
1 22 SER n 
1 23 LEU n 
1 24 LEU n 
1 25 ASN n 
1 26 ARG n 
1 27 LYS n 
1 28 HIS n 
1 29 HIS n 
1 30 CYS n 
1 31 ARG n 
1 32 SER n 
1 33 CYS n 
1 34 GLY n 
1 35 GLY n 
1 36 VAL n 
1 37 PHE n 
1 38 CYS n 
1 39 GLN n 
1 40 GLU n 
1 41 HIS n 
1 42 SER n 
1 43 SER n 
1 44 ASN n 
1 45 SER n 
1 46 ILE n 
1 47 PRO n 
1 48 LEU n 
1 49 PRO n 
1 50 ASP n 
1 51 LEU n 
1 52 GLY n 
1 53 ILE n 
1 54 TYR n 
1 55 GLU n 
1 56 PRO n 
1 57 VAL n 
1 58 ARG n 
1 59 VAL n 
1 60 CYS n 
1 61 ASP n 
1 62 SER n 
1 63 CYS n 
1 64 PHE n 
1 65 GLU n 
1 66 ASP n 
1 67 TYR n 
1 68 GLU n 
1 69 PHE n 
1 70 ILE n 
1 71 VAL n 
1 72 THR n 
1 73 ASP n 
# 
_entity_src_gen.entity_id                          1 
_entity_src_gen.pdbx_src_id                        1 
_entity_src_gen.pdbx_alt_source_flag               sample 
_entity_src_gen.pdbx_seq_type                      ? 
_entity_src_gen.pdbx_beg_seq_num                   ? 
_entity_src_gen.pdbx_end_seq_num                   ? 
_entity_src_gen.gene_src_common_name               
;baker's yeast
;
_entity_src_gen.gene_src_genus                     Saccharomyces 
_entity_src_gen.pdbx_gene_src_gene                 VPS27 
_entity_src_gen.gene_src_species                   ? 
_entity_src_gen.gene_src_strain                    ? 
_entity_src_gen.gene_src_tissue                    ? 
_entity_src_gen.gene_src_tissue_fraction           ? 
_entity_src_gen.gene_src_details                   ? 
_entity_src_gen.pdbx_gene_src_fragment             ? 
_entity_src_gen.pdbx_gene_src_scientific_name      'Saccharomyces cerevisiae' 
_entity_src_gen.pdbx_gene_src_ncbi_taxonomy_id     4932 
_entity_src_gen.pdbx_gene_src_variant              ? 
_entity_src_gen.pdbx_gene_src_cell_line            ? 
_entity_src_gen.pdbx_gene_src_atcc                 ? 
_entity_src_gen.pdbx_gene_src_organ                ? 
_entity_src_gen.pdbx_gene_src_organelle            ? 
_entity_src_gen.pdbx_gene_src_cell                 ? 
_entity_src_gen.pdbx_gene_src_cellular_location    'CYTOPLASM, ENDOSOMAL MEMBRANES' 
_entity_src_gen.host_org_common_name               ? 
_entity_src_gen.pdbx_host_org_scientific_name      'Escherichia coli BL21(DE3)' 
_entity_src_gen.pdbx_host_org_ncbi_taxonomy_id     469008 
_entity_src_gen.host_org_genus                     Escherichia 
_entity_src_gen.pdbx_host_org_gene                 ? 
_entity_src_gen.pdbx_host_org_organ                ? 
_entity_src_gen.host_org_species                   'Escherichia coli' 
_entity_src_gen.pdbx_host_org_tissue               ? 
_entity_src_gen.pdbx_host_org_tissue_fraction      ? 
_entity_src_gen.pdbx_host_org_strain               BL21 
_entity_src_gen.pdbx_host_org_variant              DE3 
_entity_src_gen.pdbx_host_org_cell_line            ? 
_entity_src_gen.pdbx_host_org_atcc                 ? 
_entity_src_gen.pdbx_host_org_culture_collection   ? 
_entity_src_gen.pdbx_host_org_cell                 ? 
_entity_src_gen.pdbx_host_org_organelle            ? 
_entity_src_gen.pdbx_host_org_cellular_location    ? 
_entity_src_gen.pdbx_host_org_vector_type          PLASMID 
_entity_src_gen.pdbx_host_org_vector               ? 
_entity_src_gen.host_org_details                   ? 
_entity_src_gen.expression_system_id               ? 
_entity_src_gen.plasmid_name                       PGEX-2T 
_entity_src_gen.plasmid_details                    ? 
_entity_src_gen.pdbx_description                   ? 
# 
loop_
_chem_comp.id 
_chem_comp.type 
_chem_comp.mon_nstd_flag 
_chem_comp.name 
_chem_comp.pdbx_synonyms 
_chem_comp.formula 
_chem_comp.formula_weight 
ALA 'L-peptide linking' y ALANINE         ? 'C3 H7 N O2'     89.093  
ARG 'L-peptide linking' y ARGININE        ? 'C6 H15 N4 O2 1' 175.209 
ASN 'L-peptide linking' y ASPARAGINE      ? 'C4 H8 N2 O3'    132.118 
ASP 'L-peptide linking' y 'ASPARTIC ACID' ? 'C4 H7 N O4'     133.103 
CYS 'L-peptide linking' y CYSTEINE        ? 'C3 H7 N O2 S'   121.158 
GLN 'L-peptide linking' y GLUTAMINE       ? 'C5 H10 N2 O3'   146.144 
GLU 'L-peptide linking' y 'GLUTAMIC ACID' ? 'C5 H9 N O4'     147.129 
GLY 'peptide linking'   y GLYCINE         ? 'C2 H5 N O2'     75.067  
HIS 'L-peptide linking' y HISTIDINE       ? 'C6 H10 N3 O2 1' 156.162 
HOH non-polymer         . WATER           ? 'H2 O'           18.015  
ILE 'L-peptide linking' y ISOLEUCINE      ? 'C6 H13 N O2'    131.173 
LEU 'L-peptide linking' y LEUCINE         ? 'C6 H13 N O2'    131.173 
LYS 'L-peptide linking' y LYSINE          ? 'C6 H15 N2 O2 1' 147.195 
MET 'L-peptide linking' y METHIONINE      ? 'C5 H11 N O2 S'  149.211 
PHE 'L-peptide linking' y PHENYLALANINE   ? 'C9 H11 N O2'    165.189 
PRO 'L-peptide linking' y PROLINE         ? 'C5 H9 N O2'     115.130 
SER 'L-peptide linking' y SERINE          ? 'C3 H7 N O3'     105.093 
THR 'L-peptide linking' y THREONINE       ? 'C4 H9 N O3'     119.119 
TRP 'L-peptide linking' y TRYPTOPHAN      ? 'C11 H12 N2 O2'  204.225 
TYR 'L-peptide linking' y TYROSINE        ? 'C9 H11 N O3'    181.189 
VAL 'L-peptide linking' y VALINE          ? 'C5 H11 N O2'    117.146 
ZN  non-polymer         . 'ZINC ION'      ? 'Zn 2'           65.409  
# 
loop_
_pdbx_poly_seq_scheme.asym_id 
_pdbx_poly_seq_scheme.entity_id 
_pdbx_poly_seq_scheme.seq_id 
_pdbx_poly_seq_scheme.mon_id 
_pdbx_poly_seq_scheme.ndb_seq_num 
_pdbx_poly_seq_scheme.pdb_seq_num 
_pdbx_poly_seq_scheme.auth_seq_num 
_pdbx_poly_seq_scheme.pdb_mon_id 
_pdbx_poly_seq_scheme.auth_mon_id 
_pdbx_poly_seq_scheme.pdb_strand_id 
_pdbx_poly_seq_scheme.pdb_ins_code 
_pdbx_poly_seq_scheme.hetero 
A 1 1  ASP 1  163 ?   ?   ?   A . n 
A 1 2  SER 2  164 ?   ?   ?   A . n 
A 1 3  LYS 3  165 ?   ?   ?   A . n 
A 1 4  THR 4  166 ?   ?   ?   A . n 
A 1 5  PRO 5  167 ?   ?   ?   A . n 
A 1 6  ALA 6  168 ?   ?   ?   A . n 
A 1 7  ASP 7  169 169 ASP ASP A . n 
A 1 8  TRP 8  170 170 TRP TRP A . n 
A 1 9  ILE 9  171 171 ILE ILE A . n 
A 1 10 ASP 10 172 172 ASP ASP A . n 
A 1 11 SER 11 173 173 SER SER A . n 
A 1 12 ASP 12 174 174 ASP ASP A . n 
A 1 13 ALA 13 175 175 ALA ALA A . n 
A 1 14 CYS 14 176 176 CYS CYS A . n 
A 1 15 MET 15 177 177 MET MET A . n 
A 1 16 ILE 16 178 178 ILE ILE A . n 
A 1 17 CYS 17 179 179 CYS CYS A . n 
A 1 18 SER 18 180 180 SER SER A . n 
A 1 19 LYS 19 181 181 LYS LYS A . n 
A 1 20 LYS 20 182 182 LYS LYS A . n 
A 1 21 PHE 21 183 183 PHE PHE A . n 
A 1 22 SER 22 184 184 SER SER A . n 
A 1 23 LEU 23 185 185 LEU LEU A . n 
A 1 24 LEU 24 186 186 LEU LEU A . n 
A 1 25 ASN 25 187 187 ASN ASN A . n 
A 1 26 ARG 26 188 188 ARG ARG A . n 
A 1 27 LYS 27 189 189 LYS LYS A . n 
A 1 28 HIS 28 190 190 HIS HIS A . n 
A 1 29 HIS 29 191 191 HIS HIS A . n 
A 1 30 CYS 30 192 192 CYS CYS A . n 
A 1 31 ARG 31 193 193 ARG ARG A . n 
A 1 32 SER 32 194 194 SER SER A . n 
A 1 33 CYS 33 195 195 CYS CYS A . n 
A 1 34 GLY 34 196 196 GLY GLY A . n 
A 1 35 GLY 35 197 197 GLY GLY A . n 
A 1 36 VAL 36 198 198 VAL VAL A . n 
A 1 37 PHE 37 199 199 PHE PHE A . n 
A 1 38 CYS 38 200 200 CYS CYS A . n 
A 1 39 GLN 39 201 201 GLN GLN A . n 
A 1 40 GLU 40 202 202 GLU GLU A . n 
A 1 41 HIS 41 203 203 HIS HIS A . n 
A 1 42 SER 42 204 204 SER SER A . n 
A 1 43 SER 43 205 205 SER SER A . n 
A 1 44 ASN 44 206 206 ASN ASN A . n 
A 1 45 SER 45 207 207 SER SER A . n 
A 1 46 ILE 46 208 208 ILE ILE A . n 
A 1 47 PRO 47 209 209 PRO PRO A . n 
A 1 48 LEU 48 210 210 LEU LEU A . n 
A 1 49 PRO 49 211 211 PRO PRO A . n 
A 1 50 ASP 50 212 212 ASP ASP A . n 
A 1 51 LEU 51 213 213 LEU LEU A . n 
A 1 52 GLY 52 214 214 GLY GLY A . n 
A 1 53 ILE 53 215 215 ILE ILE A . n 
A 1 54 TYR 54 216 216 TYR TYR A . n 
A 1 55 GLU 55 217 217 GLU GLU A . n 
A 1 56 PRO 56 218 218 PRO PRO A . n 
A 1 57 VAL 57 219 219 VAL VAL A . n 
A 1 58 ARG 58 220 220 ARG ARG A . n 
A 1 59 VAL 59 221 221 VAL VAL A . n 
A 1 60 CYS 60 222 222 CYS CYS A . n 
A 1 61 ASP 61 223 223 ASP ASP A . n 
A 1 62 SER 62 224 224 SER SER A . n 
A 1 63 CYS 63 225 225 CYS CYS A . n 
A 1 64 PHE 64 226 226 PHE PHE A . n 
A 1 65 GLU 65 227 227 GLU GLU A . n 
A 1 66 ASP 66 228 228 ASP ASP A . n 
A 1 67 TYR 67 229 229 TYR TYR A . n 
A 1 68 GLU 68 230 230 GLU GLU A . n 
A 1 69 PHE 69 231 231 PHE PHE A . n 
A 1 70 ILE 70 232 232 ILE ILE A . n 
A 1 71 VAL 71 233 233 VAL VAL A . n 
A 1 72 THR 72 234 234 THR THR A . n 
A 1 73 ASP 73 235 235 ASP ASP A . n 
# 
loop_
_pdbx_nonpoly_scheme.asym_id 
_pdbx_nonpoly_scheme.entity_id 
_pdbx_nonpoly_scheme.mon_id 
_pdbx_nonpoly_scheme.ndb_seq_num 
_pdbx_nonpoly_scheme.pdb_seq_num 
_pdbx_nonpoly_scheme.auth_seq_num 
_pdbx_nonpoly_scheme.pdb_mon_id 
_pdbx_nonpoly_scheme.auth_mon_id 
_pdbx_nonpoly_scheme.pdb_strand_id 
_pdbx_nonpoly_scheme.pdb_ins_code 
B 2 ZN  1   300 300 ZN  ZN  A . 
C 2 ZN  1   301 301 ZN  ZN  A . 
D 3 HOH 1   1   1   HOH HOH A . 
D 3 HOH 2   2   2   HOH HOH A . 
D 3 HOH 3   3   3   HOH HOH A . 
D 3 HOH 4   4   4   HOH HOH A . 
D 3 HOH 5   5   5   HOH HOH A . 
D 3 HOH 6   6   6   HOH HOH A . 
D 3 HOH 7   7   7   HOH HOH A . 
D 3 HOH 8   8   8   HOH HOH A . 
D 3 HOH 9   9   9   HOH HOH A . 
D 3 HOH 10  10  10  HOH HOH A . 
D 3 HOH 11  11  11  HOH HOH A . 
D 3 HOH 12  12  12  HOH HOH A . 
D 3 HOH 13  13  13  HOH HOH A . 
D 3 HOH 14  14  14  HOH HOH A . 
D 3 HOH 15  15  15  HOH HOH A . 
D 3 HOH 16  16  16  HOH HOH A . 
D 3 HOH 17  17  17  HOH HOH A . 
D 3 HOH 18  18  18  HOH HOH A . 
D 3 HOH 19  19  19  HOH HOH A . 
D 3 HOH 20  20  20  HOH HOH A . 
D 3 HOH 21  21  21  HOH HOH A . 
D 3 HOH 22  22  22  HOH HOH A . 
D 3 HOH 23  23  23  HOH HOH A . 
D 3 HOH 24  24  24  HOH HOH A . 
D 3 HOH 25  25  25  HOH HOH A . 
D 3 HOH 26  26  26  HOH HOH A . 
D 3 HOH 27  27  27  HOH HOH A . 
D 3 HOH 28  28  28  HOH HOH A . 
D 3 HOH 29  29  29  HOH HOH A . 
D 3 HOH 30  30  30  HOH HOH A . 
D 3 HOH 31  31  31  HOH HOH A . 
D 3 HOH 32  32  32  HOH HOH A . 
D 3 HOH 33  33  33  HOH HOH A . 
D 3 HOH 34  34  34  HOH HOH A . 
D 3 HOH 35  35  35  HOH HOH A . 
D 3 HOH 36  36  36  HOH HOH A . 
D 3 HOH 37  37  37  HOH HOH A . 
D 3 HOH 38  38  38  HOH HOH A . 
D 3 HOH 39  39  39  HOH HOH A . 
D 3 HOH 40  40  40  HOH HOH A . 
D 3 HOH 41  41  41  HOH HOH A . 
D 3 HOH 42  42  42  HOH HOH A . 
D 3 HOH 43  43  43  HOH HOH A . 
D 3 HOH 44  44  44  HOH HOH A . 
D 3 HOH 45  45  45  HOH HOH A . 
D 3 HOH 46  46  46  HOH HOH A . 
D 3 HOH 47  47  47  HOH HOH A . 
D 3 HOH 48  48  48  HOH HOH A . 
D 3 HOH 49  49  49  HOH HOH A . 
D 3 HOH 50  50  50  HOH HOH A . 
D 3 HOH 51  51  51  HOH HOH A . 
D 3 HOH 52  52  52  HOH HOH A . 
D 3 HOH 53  53  53  HOH HOH A . 
D 3 HOH 54  54  54  HOH HOH A . 
D 3 HOH 55  55  55  HOH HOH A . 
D 3 HOH 56  56  56  HOH HOH A . 
D 3 HOH 57  57  57  HOH HOH A . 
D 3 HOH 58  58  58  HOH HOH A . 
D 3 HOH 59  59  59  HOH HOH A . 
D 3 HOH 60  60  60  HOH HOH A . 
D 3 HOH 61  61  61  HOH HOH A . 
D 3 HOH 62  62  62  HOH HOH A . 
D 3 HOH 63  63  63  HOH HOH A . 
D 3 HOH 64  64  64  HOH HOH A . 
D 3 HOH 65  65  65  HOH HOH A . 
D 3 HOH 66  66  66  HOH HOH A . 
D 3 HOH 67  67  67  HOH HOH A . 
D 3 HOH 68  68  68  HOH HOH A . 
D 3 HOH 69  69  69  HOH HOH A . 
D 3 HOH 70  70  70  HOH HOH A . 
D 3 HOH 71  71  71  HOH HOH A . 
D 3 HOH 72  72  72  HOH HOH A . 
D 3 HOH 73  73  73  HOH HOH A . 
D 3 HOH 74  74  74  HOH HOH A . 
D 3 HOH 75  75  75  HOH HOH A . 
D 3 HOH 76  76  76  HOH HOH A . 
D 3 HOH 77  77  77  HOH HOH A . 
D 3 HOH 78  78  78  HOH HOH A . 
D 3 HOH 79  79  79  HOH HOH A . 
D 3 HOH 80  80  80  HOH HOH A . 
D 3 HOH 81  81  81  HOH HOH A . 
D 3 HOH 82  82  82  HOH HOH A . 
D 3 HOH 83  83  83  HOH HOH A . 
D 3 HOH 84  84  84  HOH HOH A . 
D 3 HOH 85  85  85  HOH HOH A . 
D 3 HOH 86  86  86  HOH HOH A . 
D 3 HOH 87  87  87  HOH HOH A . 
D 3 HOH 88  88  88  HOH HOH A . 
D 3 HOH 89  89  89  HOH HOH A . 
D 3 HOH 90  90  90  HOH HOH A . 
D 3 HOH 91  91  91  HOH HOH A . 
D 3 HOH 92  92  92  HOH HOH A . 
D 3 HOH 93  94  94  HOH HOH A . 
D 3 HOH 94  95  95  HOH HOH A . 
D 3 HOH 95  96  96  HOH HOH A . 
D 3 HOH 96  97  97  HOH HOH A . 
D 3 HOH 97  99  99  HOH HOH A . 
D 3 HOH 98  100 100 HOH HOH A . 
D 3 HOH 99  101 101 HOH HOH A . 
D 3 HOH 100 102 102 HOH HOH A . 
D 3 HOH 101 103 103 HOH HOH A . 
D 3 HOH 102 104 104 HOH HOH A . 
D 3 HOH 103 105 105 HOH HOH A . 
D 3 HOH 104 106 106 HOH HOH A . 
D 3 HOH 105 107 107 HOH HOH A . 
D 3 HOH 106 108 108 HOH HOH A . 
D 3 HOH 107 109 109 HOH HOH A . 
D 3 HOH 108 110 110 HOH HOH A . 
D 3 HOH 109 111 111 HOH HOH A . 
# 
loop_
_software.name 
_software.classification 
_software.version 
_software.citation_id 
_software.pdbx_ordinal 
DENZO     'data reduction' .   ? 1 
SCALEPACK 'data scaling'   .   ? 2 
SOLVE     phasing          .   ? 3 
CNS       refinement       0.5 ? 4 
# 
_cell.entry_id           1VFY 
_cell.length_a           24.090 
_cell.length_b           26.570 
_cell.length_c           31.610 
_cell.angle_alpha        111.79 
_cell.angle_beta         92.70 
_cell.angle_gamma        105.70 
_cell.Z_PDB              1 
_cell.pdbx_unique_axis   ? 
# 
_symmetry.entry_id                         1VFY 
_symmetry.space_group_name_H-M             'P 1' 
_symmetry.pdbx_full_space_group_name_H-M   ? 
_symmetry.cell_setting                     triclinic 
_symmetry.Int_Tables_number                1 
# 
_exptl.entry_id          1VFY 
_exptl.method            'X-RAY DIFFRACTION' 
_exptl.crystals_number   1 
# 
_exptl_crystal.id                    1 
_exptl_crystal.density_meas          ? 
_exptl_crystal.density_Matthews      2.16 
_exptl_crystal.density_percent_sol   38 
_exptl_crystal.description           ? 
# 
_exptl_crystal_grow.crystal_id      1 
_exptl_crystal_grow.method          ? 
_exptl_crystal_grow.temp            ? 
_exptl_crystal_grow.temp_details    ? 
_exptl_crystal_grow.pH              5.6 
_exptl_crystal_grow.pdbx_details    '0.2 M AMMONIUM ACETATE, 0.1 M SODIUM ACETATE PH 4.6, 15% PEG 4000, pH 5.6' 
_exptl_crystal_grow.pdbx_pH_range   . 
# 
_diffrn.id                     1 
_diffrn.ambient_temp           95 
_diffrn.ambient_temp_details   ? 
_diffrn.crystal_id             1 
# 
_diffrn_detector.diffrn_id              1 
_diffrn_detector.detector               CCD 
_diffrn_detector.type                   ADSC 
_diffrn_detector.pdbx_collection_date   1999-02-15 
_diffrn_detector.details                ? 
# 
_diffrn_radiation.diffrn_id                        1 
_diffrn_radiation.wavelength_id                    1 
_diffrn_radiation.pdbx_monochromatic_or_laue_m_l   M 
_diffrn_radiation.monochromator                    ? 
_diffrn_radiation.pdbx_diffrn_protocol             MAD 
_diffrn_radiation.pdbx_scattering_type             x-ray 
# 
loop_
_diffrn_radiation_wavelength.id 
_diffrn_radiation_wavelength.wavelength 
_diffrn_radiation_wavelength.wt 
1 1.2830 1.0 
2 1.2822 1.0 
3 1.2320 1.0 
# 
_diffrn_source.diffrn_id                   1 
_diffrn_source.source                      SYNCHROTRON 
_diffrn_source.type                        'NSLS BEAMLINE X9B' 
_diffrn_source.pdbx_synchrotron_site       NSLS 
_diffrn_source.pdbx_synchrotron_beamline   X9B 
_diffrn_source.pdbx_wavelength             ? 
_diffrn_source.pdbx_wavelength_list        1.2830,1.2822,1.2320 
# 
_reflns.entry_id                     1VFY 
_reflns.observed_criterion_sigma_I   0.0 
_reflns.observed_criterion_sigma_F   0.0 
_reflns.d_resolution_low             30.0 
_reflns.d_resolution_high            1.15 
_reflns.number_obs                   20972 
_reflns.number_all                   21646 
_reflns.percent_possible_obs         95.4 
_reflns.pdbx_Rmerge_I_obs            0.065 
_reflns.pdbx_Rsym_value              0.065 
_reflns.pdbx_netI_over_sigmaI        18.6 
_reflns.B_iso_Wilson_estimate        ? 
_reflns.pdbx_redundancy              3.8 
_reflns.R_free_details               ? 
_reflns.limit_h_max                  ? 
_reflns.limit_h_min                  ? 
_reflns.limit_k_max                  ? 
_reflns.limit_k_min                  ? 
_reflns.limit_l_max                  ? 
_reflns.limit_l_min                  ? 
_reflns.observed_criterion_F_max     ? 
_reflns.observed_criterion_F_min     ? 
_reflns.pdbx_diffrn_id               1 
_reflns.pdbx_ordinal                 1 
# 
_reflns_shell.d_res_high             2.0 
_reflns_shell.d_res_low              2.07 
_reflns_shell.percent_possible_all   82.3 
_reflns_shell.Rmerge_I_obs           0.011 
_reflns_shell.pdbx_Rsym_value        0.011 
_reflns_shell.meanI_over_sigI_obs    8.0 
_reflns_shell.pdbx_redundancy        3.4 
_reflns_shell.percent_possible_obs   ? 
_reflns_shell.number_unique_all      ? 
_reflns_shell.pdbx_diffrn_id         ? 
_reflns_shell.pdbx_ordinal           1 
# 
_refine.entry_id                                 1VFY 
_refine.ls_number_reflns_obs                     20972 
_refine.ls_number_reflns_all                     20972 
_refine.pdbx_ls_sigma_I                          ? 
_refine.pdbx_ls_sigma_F                          0.0 
_refine.pdbx_data_cutoff_high_absF               ? 
_refine.pdbx_data_cutoff_low_absF                ? 
_refine.pdbx_data_cutoff_high_rms_absF           10000 
_refine.ls_d_res_low                             30.0 
_refine.ls_d_res_high                            1.15 
_refine.ls_percent_reflns_obs                    85.4 
_refine.ls_R_factor_obs                          ? 
_refine.ls_R_factor_all                          ? 
_refine.ls_R_factor_R_work                       0.174 
_refine.ls_R_factor_R_free                       0.181 
_refine.ls_R_factor_R_free_error                 ? 
_refine.ls_R_factor_R_free_error_details         ? 
_refine.ls_percent_reflns_R_free                 4 
_refine.ls_number_reflns_R_free                  977 
_refine.ls_number_parameters                     ? 
_refine.ls_number_restraints                     ? 
_refine.occupancy_min                            ? 
_refine.occupancy_max                            ? 
_refine.B_iso_mean                               12.6 
_refine.aniso_B[1][1]                            0.119 
_refine.aniso_B[2][2]                            0.786 
_refine.aniso_B[3][3]                            -0.90 
_refine.aniso_B[1][2]                            0.176 
_refine.aniso_B[1][3]                            0.537 
_refine.aniso_B[2][3]                            1.795 
_refine.solvent_model_details                    'FLAT MODEL' 
_refine.solvent_model_param_ksol                 0.41 
_refine.solvent_model_param_bsol                 46.4 
_refine.pdbx_ls_cross_valid_method               THROUGHOUT 
_refine.details                                  ? 
_refine.pdbx_starting_model                      ? 
_refine.pdbx_method_to_determine_struct          MAD 
_refine.pdbx_isotropic_thermal_model             RESTRAINED 
_refine.pdbx_stereochemistry_target_values       ? 
_refine.pdbx_stereochem_target_val_spec_case     ? 
_refine.pdbx_R_Free_selection_details            RANDOM 
_refine.pdbx_overall_ESU_R                       ? 
_refine.pdbx_overall_ESU_R_Free                  ? 
_refine.overall_SU_ML                            ? 
_refine.overall_SU_B                             ? 
_refine.ls_redundancy_reflns_obs                 ? 
_refine.B_iso_min                                ? 
_refine.B_iso_max                                ? 
_refine.correlation_coeff_Fo_to_Fc               ? 
_refine.correlation_coeff_Fo_to_Fc_free          ? 
_refine.pdbx_solvent_vdw_probe_radii             ? 
_refine.pdbx_solvent_ion_probe_radii             ? 
_refine.pdbx_solvent_shrinkage_radii             ? 
_refine.overall_SU_R_Cruickshank_DPI             ? 
_refine.overall_SU_R_free                        ? 
_refine.pdbx_refine_id                           'X-RAY DIFFRACTION' 
_refine.pdbx_diffrn_id                           1 
_refine.pdbx_TLS_residual_ADP_flag               ? 
_refine.pdbx_overall_phase_error                 ? 
_refine.pdbx_overall_SU_R_free_Cruickshank_DPI   ? 
_refine.pdbx_overall_SU_R_Blow_DPI               ? 
_refine.pdbx_overall_SU_R_free_Blow_DPI          ? 
# 
_refine_analyze.entry_id                        1VFY 
_refine_analyze.Luzzati_coordinate_error_obs    0.12 
_refine_analyze.Luzzati_sigma_a_obs             0.08 
_refine_analyze.Luzzati_d_res_low_obs           6.00 
_refine_analyze.Luzzati_coordinate_error_free   0.13 
_refine_analyze.Luzzati_sigma_a_free            0.07 
_refine_analyze.Luzzati_d_res_low_free          ? 
_refine_analyze.number_disordered_residues      ? 
_refine_analyze.occupancy_sum_hydrogen          ? 
_refine_analyze.occupancy_sum_non_hydrogen      ? 
_refine_analyze.pdbx_Luzzati_d_res_high_obs     ? 
_refine_analyze.pdbx_refine_id                  'X-RAY DIFFRACTION' 
# 
_refine_hist.pdbx_refine_id                   'X-RAY DIFFRACTION' 
_refine_hist.cycle_id                         LAST 
_refine_hist.pdbx_number_atoms_protein        532 
_refine_hist.pdbx_number_atoms_nucleic_acid   0 
_refine_hist.pdbx_number_atoms_ligand         2 
_refine_hist.number_atoms_solvent             109 
_refine_hist.number_atoms_total               643 
_refine_hist.d_res_high                       1.15 
_refine_hist.d_res_low                        30.0 
# 
loop_
_refine_ls_restr.type 
_refine_ls_restr.dev_ideal 
_refine_ls_restr.dev_ideal_target 
_refine_ls_restr.weight 
_refine_ls_restr.number 
_refine_ls_restr.pdbx_refine_id 
_refine_ls_restr.pdbx_restraint_function 
c_bond_d                0.012 ? ? ? 'X-RAY DIFFRACTION' ? 
c_bond_d_na             ?     ? ? ? 'X-RAY DIFFRACTION' ? 
c_bond_d_prot           ?     ? ? ? 'X-RAY DIFFRACTION' ? 
c_angle_d               ?     ? ? ? 'X-RAY DIFFRACTION' ? 
c_angle_d_na            ?     ? ? ? 'X-RAY DIFFRACTION' ? 
c_angle_d_prot          ?     ? ? ? 'X-RAY DIFFRACTION' ? 
c_angle_deg             1.77  ? ? ? 'X-RAY DIFFRACTION' ? 
c_angle_deg_na          ?     ? ? ? 'X-RAY DIFFRACTION' ? 
c_angle_deg_prot        ?     ? ? ? 'X-RAY DIFFRACTION' ? 
c_dihedral_angle_d      23.7  ? ? ? 'X-RAY DIFFRACTION' ? 
c_dihedral_angle_d_na   ?     ? ? ? 'X-RAY DIFFRACTION' ? 
c_dihedral_angle_d_prot ?     ? ? ? 'X-RAY DIFFRACTION' ? 
c_improper_angle_d      1.03  ? ? ? 'X-RAY DIFFRACTION' ? 
c_improper_angle_d_na   ?     ? ? ? 'X-RAY DIFFRACTION' ? 
c_improper_angle_d_prot ?     ? ? ? 'X-RAY DIFFRACTION' ? 
c_mcbond_it             1.57  ? ? ? 'X-RAY DIFFRACTION' ? 
c_mcangle_it            2.20  ? ? ? 'X-RAY DIFFRACTION' ? 
c_scbond_it             3.43  ? ? ? 'X-RAY DIFFRACTION' ? 
c_scangle_it            4.86  ? ? ? 'X-RAY DIFFRACTION' ? 
# 
_refine_ls_shell.pdbx_total_number_of_bins_used   10 
_refine_ls_shell.d_res_high                       1.15 
_refine_ls_shell.d_res_low                        1.19 
_refine_ls_shell.number_reflns_R_work             1609 
_refine_ls_shell.R_factor_R_work                  0.213 
_refine_ls_shell.percent_reflns_obs               69.2 
_refine_ls_shell.R_factor_R_free                  0.248 
_refine_ls_shell.R_factor_R_free_error            ? 
_refine_ls_shell.percent_reflns_R_free            2.8 
_refine_ls_shell.number_reflns_R_free             67 
_refine_ls_shell.redundancy_reflns_obs            ? 
_refine_ls_shell.number_reflns_all                ? 
_refine_ls_shell.number_reflns_obs                ? 
_refine_ls_shell.pdbx_refine_id                   'X-RAY DIFFRACTION' 
_refine_ls_shell.R_factor_all                     ? 
# 
loop_
_pdbx_xplor_file.serial_no 
_pdbx_xplor_file.param_file 
_pdbx_xplor_file.topol_file 
_pdbx_xplor_file.pdbx_refine_id 
1 PROTEIN_REP.PARAM GENERATE_9.MTF 'X-RAY DIFFRACTION' 
2 WATER_REP.PARAM   ?              'X-RAY DIFFRACTION' 
3 PARAM19.ION       ?              'X-RAY DIFFRACTION' 
# 
_struct.entry_id                  1VFY 
_struct.title                     
'PHOSPHATIDYLINOSITOL-3-PHOSPHATE BINDING FYVE DOMAIN OF VPS27P PROTEIN FROM SACCHAROMYCES CEREVISIAE' 
_struct.pdbx_model_details        ? 
_struct.pdbx_CASP_flag            ? 
_struct.pdbx_model_type_details   ? 
# 
_struct_keywords.entry_id        1VFY 
_struct_keywords.pdbx_keywords   'TRANSPORT PROTEIN' 
_struct_keywords.text            'FYVE DOMAIN, ENDOSOME MATURATION, INTRACELLULAR TRAFFICKING, TRANSPORT PROTEIN' 
# 
loop_
_struct_asym.id 
_struct_asym.pdbx_blank_PDB_chainid_flag 
_struct_asym.pdbx_modified 
_struct_asym.entity_id 
_struct_asym.details 
A N N 1 ? 
B N N 2 ? 
C N N 2 ? 
D N N 3 ? 
# 
_struct_ref.id                         1 
_struct_ref.db_name                    UNP 
_struct_ref.db_code                    VPS27_YEAST 
_struct_ref.entity_id                  1 
_struct_ref.pdbx_db_accession          P40343 
_struct_ref.pdbx_align_begin           ? 
_struct_ref.pdbx_seq_one_letter_code   ? 
_struct_ref.pdbx_db_isoform            ? 
# 
_struct_ref_seq.align_id                      1 
_struct_ref_seq.ref_id                        1 
_struct_ref_seq.pdbx_PDB_id_code              1VFY 
_struct_ref_seq.pdbx_strand_id                A 
_struct_ref_seq.seq_align_beg                 1 
_struct_ref_seq.pdbx_seq_align_beg_ins_code   ? 
_struct_ref_seq.seq_align_end                 68 
_struct_ref_seq.pdbx_seq_align_end_ins_code   ? 
_struct_ref_seq.pdbx_db_accession             P40343 
_struct_ref_seq.db_align_beg                  163 
_struct_ref_seq.pdbx_db_align_beg_ins_code    ? 
_struct_ref_seq.db_align_end                  230 
_struct_ref_seq.pdbx_db_align_end_ins_code    ? 
_struct_ref_seq.pdbx_auth_seq_align_beg       163 
_struct_ref_seq.pdbx_auth_seq_align_end       230 
# 
_struct_ref_seq_dif.align_id                     1 
_struct_ref_seq_dif.pdbx_pdb_id_code             1VFY 
_struct_ref_seq_dif.mon_id                       GLU 
_struct_ref_seq_dif.pdbx_pdb_strand_id           A 
_struct_ref_seq_dif.seq_num                      68 
_struct_ref_seq_dif.pdbx_pdb_ins_code            ? 
_struct_ref_seq_dif.pdbx_seq_db_name             UNP 
_struct_ref_seq_dif.pdbx_seq_db_accession_code   P40343 
_struct_ref_seq_dif.db_mon_id                    ASP 
_struct_ref_seq_dif.pdbx_seq_db_seq_num          230 
_struct_ref_seq_dif.details                      'engineered mutation' 
_struct_ref_seq_dif.pdbx_auth_seq_num            230 
_struct_ref_seq_dif.pdbx_ordinal                 1 
# 
_pdbx_struct_assembly.id                   1 
_pdbx_struct_assembly.details              author_defined_assembly 
_pdbx_struct_assembly.method_details       ? 
_pdbx_struct_assembly.oligomeric_details   monomeric 
_pdbx_struct_assembly.oligomeric_count     1 
# 
_pdbx_struct_assembly_gen.assembly_id       1 
_pdbx_struct_assembly_gen.oper_expression   1 
_pdbx_struct_assembly_gen.asym_id_list      A,B,C,D 
# 
_pdbx_struct_oper_list.id                   1 
_pdbx_struct_oper_list.type                 'identity operation' 
_pdbx_struct_oper_list.name                 1_555 
_pdbx_struct_oper_list.symmetry_operation   x,y,z 
_pdbx_struct_oper_list.matrix[1][1]         1.0000000000 
_pdbx_struct_oper_list.matrix[1][2]         0.0000000000 
_pdbx_struct_oper_list.matrix[1][3]         0.0000000000 
_pdbx_struct_oper_list.vector[1]            0.0000000000 
_pdbx_struct_oper_list.matrix[2][1]         0.0000000000 
_pdbx_struct_oper_list.matrix[2][2]         1.0000000000 
_pdbx_struct_oper_list.matrix[2][3]         0.0000000000 
_pdbx_struct_oper_list.vector[2]            0.0000000000 
_pdbx_struct_oper_list.matrix[3][1]         0.0000000000 
_pdbx_struct_oper_list.matrix[3][2]         0.0000000000 
_pdbx_struct_oper_list.matrix[3][3]         1.0000000000 
_pdbx_struct_oper_list.vector[3]            0.0000000000 
# 
_struct_biol.id                    1 
_struct_biol.pdbx_parent_biol_id   ? 
_struct_biol.details               ? 
# 
loop_
_struct_conf.conf_type_id 
_struct_conf.id 
_struct_conf.pdbx_PDB_helix_id 
_struct_conf.beg_label_comp_id 
_struct_conf.beg_label_asym_id 
_struct_conf.beg_label_seq_id 
_struct_conf.pdbx_beg_PDB_ins_code 
_struct_conf.end_label_comp_id 
_struct_conf.end_label_asym_id 
_struct_conf.end_label_seq_id 
_struct_conf.pdbx_end_PDB_ins_code 
_struct_conf.beg_auth_comp_id 
_struct_conf.beg_auth_asym_id 
_struct_conf.beg_auth_seq_id 
_struct_conf.end_auth_comp_id 
_struct_conf.end_auth_asym_id 
_struct_conf.end_auth_seq_id 
_struct_conf.pdbx_PDB_helix_class 
_struct_conf.details 
_struct_conf.pdbx_PDB_helix_length 
HELX_P HELX_P1 1 GLN A 39 ? HIS A 41 ? GLN A 201 HIS A 203 5 ? 3  
HELX_P HELX_P2 2 PRO A 49 ? LEU A 51 ? PRO A 211 LEU A 213 5 ? 3  
HELX_P HELX_P3 3 ASP A 61 ? VAL A 71 ? ASP A 223 VAL A 233 1 ? 11 
# 
_struct_conf_type.id          HELX_P 
_struct_conf_type.criteria    ? 
_struct_conf_type.reference   ? 
# 
loop_
_struct_conn.id 
_struct_conn.conn_type_id 
_struct_conn.pdbx_leaving_atom_flag 
_struct_conn.pdbx_PDB_id 
_struct_conn.ptnr1_label_asym_id 
_struct_conn.ptnr1_label_comp_id 
_struct_conn.ptnr1_label_seq_id 
_struct_conn.ptnr1_label_atom_id 
_struct_conn.pdbx_ptnr1_label_alt_id 
_struct_conn.pdbx_ptnr1_PDB_ins_code 
_struct_conn.pdbx_ptnr1_standard_comp_id 
_struct_conn.ptnr1_symmetry 
_struct_conn.ptnr2_label_asym_id 
_struct_conn.ptnr2_label_comp_id 
_struct_conn.ptnr2_label_seq_id 
_struct_conn.ptnr2_label_atom_id 
_struct_conn.pdbx_ptnr2_label_alt_id 
_struct_conn.pdbx_ptnr2_PDB_ins_code 
_struct_conn.ptnr1_auth_asym_id 
_struct_conn.ptnr1_auth_comp_id 
_struct_conn.ptnr1_auth_seq_id 
_struct_conn.ptnr2_auth_asym_id 
_struct_conn.ptnr2_auth_comp_id 
_struct_conn.ptnr2_auth_seq_id 
_struct_conn.ptnr2_symmetry 
_struct_conn.pdbx_ptnr3_label_atom_id 
_struct_conn.pdbx_ptnr3_label_seq_id 
_struct_conn.pdbx_ptnr3_label_comp_id 
_struct_conn.pdbx_ptnr3_label_asym_id 
_struct_conn.pdbx_ptnr3_label_alt_id 
_struct_conn.pdbx_ptnr3_PDB_ins_code 
_struct_conn.details 
_struct_conn.pdbx_dist_value 
_struct_conn.pdbx_value_order 
_struct_conn.pdbx_role 
metalc1 metalc ? ? A CYS 14 SG  ? ? ? 1_555 C ZN . ZN ? ? A CYS 176 A ZN 301 1_555 ? ? ? ? ? ? ? 2.335 ? ? 
metalc2 metalc ? ? A CYS 17 SG  ? ? ? 1_555 C ZN . ZN ? ? A CYS 179 A ZN 301 1_555 ? ? ? ? ? ? ? 2.309 ? ? 
metalc3 metalc ? ? A CYS 30 SG  ? ? ? 1_555 B ZN . ZN ? ? A CYS 192 A ZN 300 1_555 ? ? ? ? ? ? ? 2.368 ? ? 
metalc4 metalc ? ? A CYS 33 SG  ? ? ? 1_555 B ZN . ZN ? ? A CYS 195 A ZN 300 1_555 ? ? ? ? ? ? ? 2.367 ? ? 
metalc5 metalc ? ? A CYS 38 SG  ? ? ? 1_555 C ZN . ZN ? ? A CYS 200 A ZN 301 1_555 ? ? ? ? ? ? ? 2.327 ? ? 
metalc6 metalc ? ? A HIS 41 ND1 ? ? ? 1_555 C ZN . ZN ? ? A HIS 203 A ZN 301 1_555 ? ? ? ? ? ? ? 2.143 ? ? 
metalc7 metalc ? ? A CYS 60 SG  ? ? ? 1_555 B ZN . ZN ? ? A CYS 222 A ZN 300 1_555 ? ? ? ? ? ? ? 2.329 ? ? 
metalc8 metalc ? ? A CYS 63 SG  ? ? ? 1_555 B ZN . ZN ? ? A CYS 225 A ZN 300 1_555 ? ? ? ? ? ? ? 2.345 ? ? 
# 
_struct_conn_type.id          metalc 
_struct_conn_type.criteria    ? 
_struct_conn_type.reference   ? 
# 
loop_
_pdbx_struct_conn_angle.id 
_pdbx_struct_conn_angle.ptnr1_label_atom_id 
_pdbx_struct_conn_angle.ptnr1_label_alt_id 
_pdbx_struct_conn_angle.ptnr1_label_asym_id 
_pdbx_struct_conn_angle.ptnr1_label_comp_id 
_pdbx_struct_conn_angle.ptnr1_label_seq_id 
_pdbx_struct_conn_angle.ptnr1_auth_atom_id 
_pdbx_struct_conn_angle.ptnr1_auth_asym_id 
_pdbx_struct_conn_angle.ptnr1_auth_comp_id 
_pdbx_struct_conn_angle.ptnr1_auth_seq_id 
_pdbx_struct_conn_angle.ptnr1_PDB_ins_code 
_pdbx_struct_conn_angle.ptnr1_symmetry 
_pdbx_struct_conn_angle.ptnr2_label_atom_id 
_pdbx_struct_conn_angle.ptnr2_label_alt_id 
_pdbx_struct_conn_angle.ptnr2_label_asym_id 
_pdbx_struct_conn_angle.ptnr2_label_comp_id 
_pdbx_struct_conn_angle.ptnr2_label_seq_id 
_pdbx_struct_conn_angle.ptnr2_auth_atom_id 
_pdbx_struct_conn_angle.ptnr2_auth_asym_id 
_pdbx_struct_conn_angle.ptnr2_auth_comp_id 
_pdbx_struct_conn_angle.ptnr2_auth_seq_id 
_pdbx_struct_conn_angle.ptnr2_PDB_ins_code 
_pdbx_struct_conn_angle.ptnr2_symmetry 
_pdbx_struct_conn_angle.ptnr3_label_atom_id 
_pdbx_struct_conn_angle.ptnr3_label_alt_id 
_pdbx_struct_conn_angle.ptnr3_label_asym_id 
_pdbx_struct_conn_angle.ptnr3_label_comp_id 
_pdbx_struct_conn_angle.ptnr3_label_seq_id 
_pdbx_struct_conn_angle.ptnr3_auth_atom_id 
_pdbx_struct_conn_angle.ptnr3_auth_asym_id 
_pdbx_struct_conn_angle.ptnr3_auth_comp_id 
_pdbx_struct_conn_angle.ptnr3_auth_seq_id 
_pdbx_struct_conn_angle.ptnr3_PDB_ins_code 
_pdbx_struct_conn_angle.ptnr3_symmetry 
_pdbx_struct_conn_angle.value 
_pdbx_struct_conn_angle.value_esd 
1  SG ? A CYS 14 ? A CYS 176 ? 1_555 ZN ? C ZN . ? A ZN 301 ? 1_555 SG  ? A CYS 17 ? A CYS 179 ? 1_555 108.2 ? 
2  SG ? A CYS 14 ? A CYS 176 ? 1_555 ZN ? C ZN . ? A ZN 301 ? 1_555 SG  ? A CYS 38 ? A CYS 200 ? 1_555 113.2 ? 
3  SG ? A CYS 17 ? A CYS 179 ? 1_555 ZN ? C ZN . ? A ZN 301 ? 1_555 SG  ? A CYS 38 ? A CYS 200 ? 1_555 115.8 ? 
4  SG ? A CYS 14 ? A CYS 176 ? 1_555 ZN ? C ZN . ? A ZN 301 ? 1_555 ND1 ? A HIS 41 ? A HIS 203 ? 1_555 114.1 ? 
5  SG ? A CYS 17 ? A CYS 179 ? 1_555 ZN ? C ZN . ? A ZN 301 ? 1_555 ND1 ? A HIS 41 ? A HIS 203 ? 1_555 109.1 ? 
6  SG ? A CYS 38 ? A CYS 200 ? 1_555 ZN ? C ZN . ? A ZN 301 ? 1_555 ND1 ? A HIS 41 ? A HIS 203 ? 1_555 96.1  ? 
7  SG ? A CYS 30 ? A CYS 192 ? 1_555 ZN ? B ZN . ? A ZN 300 ? 1_555 SG  ? A CYS 33 ? A CYS 195 ? 1_555 103.6 ? 
8  SG ? A CYS 30 ? A CYS 192 ? 1_555 ZN ? B ZN . ? A ZN 300 ? 1_555 SG  ? A CYS 60 ? A CYS 222 ? 1_555 115.6 ? 
9  SG ? A CYS 33 ? A CYS 195 ? 1_555 ZN ? B ZN . ? A ZN 300 ? 1_555 SG  ? A CYS 60 ? A CYS 222 ? 1_555 116.2 ? 
10 SG ? A CYS 30 ? A CYS 192 ? 1_555 ZN ? B ZN . ? A ZN 300 ? 1_555 SG  ? A CYS 63 ? A CYS 225 ? 1_555 106.1 ? 
11 SG ? A CYS 33 ? A CYS 195 ? 1_555 ZN ? B ZN . ? A ZN 300 ? 1_555 SG  ? A CYS 63 ? A CYS 225 ? 1_555 112.8 ? 
12 SG ? A CYS 60 ? A CYS 222 ? 1_555 ZN ? B ZN . ? A ZN 300 ? 1_555 SG  ? A CYS 63 ? A CYS 225 ? 1_555 102.4 ? 
# 
_struct_sheet.id               A 
_struct_sheet.type             ? 
_struct_sheet.number_strands   2 
_struct_sheet.details          ? 
# 
_struct_sheet_order.sheet_id     A 
_struct_sheet_order.range_id_1   1 
_struct_sheet_order.range_id_2   2 
_struct_sheet_order.offset       ? 
_struct_sheet_order.sense        anti-parallel 
# 
loop_
_struct_sheet_range.sheet_id 
_struct_sheet_range.id 
_struct_sheet_range.beg_label_comp_id 
_struct_sheet_range.beg_label_asym_id 
_struct_sheet_range.beg_label_seq_id 
_struct_sheet_range.pdbx_beg_PDB_ins_code 
_struct_sheet_range.end_label_comp_id 
_struct_sheet_range.end_label_asym_id 
_struct_sheet_range.end_label_seq_id 
_struct_sheet_range.pdbx_end_PDB_ins_code 
_struct_sheet_range.beg_auth_comp_id 
_struct_sheet_range.beg_auth_asym_id 
_struct_sheet_range.beg_auth_seq_id 
_struct_sheet_range.end_auth_comp_id 
_struct_sheet_range.end_auth_asym_id 
_struct_sheet_range.end_auth_seq_id 
A 1 ASN A 44 ? ILE A 46 ? ASN A 206 ILE A 208 
A 2 VAL A 57 ? VAL A 59 ? VAL A 219 VAL A 221 
# 
_pdbx_struct_sheet_hbond.sheet_id                A 
_pdbx_struct_sheet_hbond.range_id_1              1 
_pdbx_struct_sheet_hbond.range_id_2              2 
_pdbx_struct_sheet_hbond.range_1_label_atom_id   O 
_pdbx_struct_sheet_hbond.range_1_label_comp_id   ASN 
_pdbx_struct_sheet_hbond.range_1_label_asym_id   A 
_pdbx_struct_sheet_hbond.range_1_label_seq_id    44 
_pdbx_struct_sheet_hbond.range_1_PDB_ins_code    ? 
_pdbx_struct_sheet_hbond.range_1_auth_atom_id    O 
_pdbx_struct_sheet_hbond.range_1_auth_comp_id    ASN 
_pdbx_struct_sheet_hbond.range_1_auth_asym_id    A 
_pdbx_struct_sheet_hbond.range_1_auth_seq_id     206 
_pdbx_struct_sheet_hbond.range_2_label_atom_id   N 
_pdbx_struct_sheet_hbond.range_2_label_comp_id   VAL 
_pdbx_struct_sheet_hbond.range_2_label_asym_id   A 
_pdbx_struct_sheet_hbond.range_2_label_seq_id    59 
_pdbx_struct_sheet_hbond.range_2_PDB_ins_code    ? 
_pdbx_struct_sheet_hbond.range_2_auth_atom_id    N 
_pdbx_struct_sheet_hbond.range_2_auth_comp_id    VAL 
_pdbx_struct_sheet_hbond.range_2_auth_asym_id    A 
_pdbx_struct_sheet_hbond.range_2_auth_seq_id     221 
# 
loop_
_struct_site.id 
_struct_site.pdbx_evidence_code 
_struct_site.pdbx_auth_asym_id 
_struct_site.pdbx_auth_comp_id 
_struct_site.pdbx_auth_seq_id 
_struct_site.pdbx_auth_ins_code 
_struct_site.pdbx_num_residues 
_struct_site.details 
ZNA Author   ? ?  ?   ? 4 'ZINC ION A LIGANDING RESIDUES'             
ZNB Author   ? ?  ?   ? 4 'ZINC ION B LIGANDING RESIDUES'             
POS Author   ? ?  ?   ? 7 'RKHHCR MOTIF ; PUTATIVE PI3P BINDING SITE' 
AC1 Software A ZN 300 ? 4 'BINDING SITE FOR RESIDUE ZN A 300'         
AC2 Software A ZN 301 ? 4 'BINDING SITE FOR RESIDUE ZN A 301'         
# 
loop_
_struct_site_gen.id 
_struct_site_gen.site_id 
_struct_site_gen.pdbx_num_res 
_struct_site_gen.label_comp_id 
_struct_site_gen.label_asym_id 
_struct_site_gen.label_seq_id 
_struct_site_gen.pdbx_auth_ins_code 
_struct_site_gen.auth_comp_id 
_struct_site_gen.auth_asym_id 
_struct_site_gen.auth_seq_id 
_struct_site_gen.label_atom_id 
_struct_site_gen.label_alt_id 
_struct_site_gen.symmetry 
_struct_site_gen.details 
1  ZNA 4 CYS A 14 ? CYS A 176 . ? 1_555 ? 
2  ZNA 4 CYS A 17 ? CYS A 179 . ? 1_555 ? 
3  ZNA 4 CYS A 38 ? CYS A 200 . ? 1_555 ? 
4  ZNA 4 HIS A 41 ? HIS A 203 . ? 1_555 ? 
5  ZNB 4 CYS A 30 ? CYS A 192 . ? 1_555 ? 
6  ZNB 4 CYS A 33 ? CYS A 195 . ? 1_555 ? 
7  ZNB 4 CYS A 60 ? CYS A 222 . ? 1_555 ? 
8  ZNB 4 CYS A 63 ? CYS A 225 . ? 1_555 ? 
9  POS 7 ARG A 26 ? ARG A 188 . ? 1_555 ? 
10 POS 7 LYS A 27 ? LYS A 189 . ? 1_555 ? 
11 POS 7 HIS A 28 ? HIS A 190 . ? 1_555 ? 
12 POS 7 HIS A 29 ? HIS A 191 . ? 1_555 ? 
13 POS 7 CYS A 30 ? CYS A 192 . ? 1_555 ? 
14 POS 7 ARG A 31 ? ARG A 193 . ? 1_555 ? 
15 POS 7 ARG A 58 ? ARG A 220 . ? 1_555 ? 
16 AC1 4 CYS A 30 ? CYS A 192 . ? 1_555 ? 
17 AC1 4 CYS A 33 ? CYS A 195 . ? 1_555 ? 
18 AC1 4 CYS A 60 ? CYS A 222 . ? 1_555 ? 
19 AC1 4 CYS A 63 ? CYS A 225 . ? 1_555 ? 
20 AC2 4 CYS A 14 ? CYS A 176 . ? 1_555 ? 
21 AC2 4 CYS A 17 ? CYS A 179 . ? 1_555 ? 
22 AC2 4 CYS A 38 ? CYS A 200 . ? 1_555 ? 
23 AC2 4 HIS A 41 ? HIS A 203 . ? 1_555 ? 
# 
loop_
_pdbx_validate_close_contact.id 
_pdbx_validate_close_contact.PDB_model_num 
_pdbx_validate_close_contact.auth_atom_id_1 
_pdbx_validate_close_contact.auth_asym_id_1 
_pdbx_validate_close_contact.auth_comp_id_1 
_pdbx_validate_close_contact.auth_seq_id_1 
_pdbx_validate_close_contact.PDB_ins_code_1 
_pdbx_validate_close_contact.label_alt_id_1 
_pdbx_validate_close_contact.auth_atom_id_2 
_pdbx_validate_close_contact.auth_asym_id_2 
_pdbx_validate_close_contact.auth_comp_id_2 
_pdbx_validate_close_contact.auth_seq_id_2 
_pdbx_validate_close_contact.PDB_ins_code_2 
_pdbx_validate_close_contact.label_alt_id_2 
_pdbx_validate_close_contact.dist 
1 1 OG  A SER 173 ? ? O A HOH 10  ? ? 1.91 
2 1 O   A HOH 48  ? ? O A HOH 103 ? ? 1.94 
3 1 O   A HOH 79  ? ? O A HOH 94  ? ? 2.08 
4 1 O   A HOH 9   ? ? O A HOH 42  ? ? 2.08 
5 1 OD1 A ASP 223 ? ? O A HOH 31  ? ? 2.14 
# 
loop_
_pdbx_validate_symm_contact.id 
_pdbx_validate_symm_contact.PDB_model_num 
_pdbx_validate_symm_contact.auth_atom_id_1 
_pdbx_validate_symm_contact.auth_asym_id_1 
_pdbx_validate_symm_contact.auth_comp_id_1 
_pdbx_validate_symm_contact.auth_seq_id_1 
_pdbx_validate_symm_contact.PDB_ins_code_1 
_pdbx_validate_symm_contact.label_alt_id_1 
_pdbx_validate_symm_contact.site_symmetry_1 
_pdbx_validate_symm_contact.auth_atom_id_2 
_pdbx_validate_symm_contact.auth_asym_id_2 
_pdbx_validate_symm_contact.auth_comp_id_2 
_pdbx_validate_symm_contact.auth_seq_id_2 
_pdbx_validate_symm_contact.PDB_ins_code_2 
_pdbx_validate_symm_contact.label_alt_id_2 
_pdbx_validate_symm_contact.site_symmetry_2 
_pdbx_validate_symm_contact.dist 
1 1 O A HOH 59 ? ? 1_555 O A HOH 60 ? ? 1_445 2.05 
2 1 O A HOH 1  ? ? 1_555 O A HOH 6  ? ? 1_455 2.15 
# 
loop_
_pdbx_validate_torsion.id 
_pdbx_validate_torsion.PDB_model_num 
_pdbx_validate_torsion.auth_comp_id 
_pdbx_validate_torsion.auth_asym_id 
_pdbx_validate_torsion.auth_seq_id 
_pdbx_validate_torsion.PDB_ins_code 
_pdbx_validate_torsion.label_alt_id 
_pdbx_validate_torsion.phi 
_pdbx_validate_torsion.psi 
1 1 ASN A 187 ? ? -154.10 83.91 
2 1 SER A 204 ? ? -152.38 44.21 
# 
loop_
_pdbx_unobs_or_zero_occ_residues.id 
_pdbx_unobs_or_zero_occ_residues.PDB_model_num 
_pdbx_unobs_or_zero_occ_residues.polymer_flag 
_pdbx_unobs_or_zero_occ_residues.occupancy_flag 
_pdbx_unobs_or_zero_occ_residues.auth_asym_id 
_pdbx_unobs_or_zero_occ_residues.auth_comp_id 
_pdbx_unobs_or_zero_occ_residues.auth_seq_id 
_pdbx_unobs_or_zero_occ_residues.PDB_ins_code 
_pdbx_unobs_or_zero_occ_residues.label_asym_id 
_pdbx_unobs_or_zero_occ_residues.label_comp_id 
_pdbx_unobs_or_zero_occ_residues.label_seq_id 
1 1 Y 1 A ASP 163 ? A ASP 1 
2 1 Y 1 A SER 164 ? A SER 2 
3 1 Y 1 A LYS 165 ? A LYS 3 
4 1 Y 1 A THR 166 ? A THR 4 
5 1 Y 1 A PRO 167 ? A PRO 5 
6 1 Y 1 A ALA 168 ? A ALA 6 
# 
loop_
_chem_comp_atom.comp_id 
_chem_comp_atom.atom_id 
_chem_comp_atom.type_symbol 
_chem_comp_atom.pdbx_aromatic_flag 
_chem_comp_atom.pdbx_stereo_config 
_chem_comp_atom.pdbx_ordinal 
ALA N    N  N N 1   
ALA CA   C  N S 2   
ALA C    C  N N 3   
ALA O    O  N N 4   
ALA CB   C  N N 5   
ALA OXT  O  N N 6   
ALA H    H  N N 7   
ALA H2   H  N N 8   
ALA HA   H  N N 9   
ALA HB1  H  N N 10  
ALA HB2  H  N N 11  
ALA HB3  H  N N 12  
ALA HXT  H  N N 13  
ARG N    N  N N 14  
ARG CA   C  N S 15  
ARG C    C  N N 16  
ARG O    O  N N 17  
ARG CB   C  N N 18  
ARG CG   C  N N 19  
ARG CD   C  N N 20  
ARG NE   N  N N 21  
ARG CZ   C  N N 22  
ARG NH1  N  N N 23  
ARG NH2  N  N N 24  
ARG OXT  O  N N 25  
ARG H    H  N N 26  
ARG H2   H  N N 27  
ARG HA   H  N N 28  
ARG HB2  H  N N 29  
ARG HB3  H  N N 30  
ARG HG2  H  N N 31  
ARG HG3  H  N N 32  
ARG HD2  H  N N 33  
ARG HD3  H  N N 34  
ARG HE   H  N N 35  
ARG HH11 H  N N 36  
ARG HH12 H  N N 37  
ARG HH21 H  N N 38  
ARG HH22 H  N N 39  
ARG HXT  H  N N 40  
ASN N    N  N N 41  
ASN CA   C  N S 42  
ASN C    C  N N 43  
ASN O    O  N N 44  
ASN CB   C  N N 45  
ASN CG   C  N N 46  
ASN OD1  O  N N 47  
ASN ND2  N  N N 48  
ASN OXT  O  N N 49  
ASN H    H  N N 50  
ASN H2   H  N N 51  
ASN HA   H  N N 52  
ASN HB2  H  N N 53  
ASN HB3  H  N N 54  
ASN HD21 H  N N 55  
ASN HD22 H  N N 56  
ASN HXT  H  N N 57  
ASP N    N  N N 58  
ASP CA   C  N S 59  
ASP C    C  N N 60  
ASP O    O  N N 61  
ASP CB   C  N N 62  
ASP CG   C  N N 63  
ASP OD1  O  N N 64  
ASP OD2  O  N N 65  
ASP OXT  O  N N 66  
ASP H    H  N N 67  
ASP H2   H  N N 68  
ASP HA   H  N N 69  
ASP HB2  H  N N 70  
ASP HB3  H  N N 71  
ASP HD2  H  N N 72  
ASP HXT  H  N N 73  
CYS N    N  N N 74  
CYS CA   C  N R 75  
CYS C    C  N N 76  
CYS O    O  N N 77  
CYS CB   C  N N 78  
CYS SG   S  N N 79  
CYS OXT  O  N N 80  
CYS H    H  N N 81  
CYS H2   H  N N 82  
CYS HA   H  N N 83  
CYS HB2  H  N N 84  
CYS HB3  H  N N 85  
CYS HG   H  N N 86  
CYS HXT  H  N N 87  
GLN N    N  N N 88  
GLN CA   C  N S 89  
GLN C    C  N N 90  
GLN O    O  N N 91  
GLN CB   C  N N 92  
GLN CG   C  N N 93  
GLN CD   C  N N 94  
GLN OE1  O  N N 95  
GLN NE2  N  N N 96  
GLN OXT  O  N N 97  
GLN H    H  N N 98  
GLN H2   H  N N 99  
GLN HA   H  N N 100 
GLN HB2  H  N N 101 
GLN HB3  H  N N 102 
GLN HG2  H  N N 103 
GLN HG3  H  N N 104 
GLN HE21 H  N N 105 
GLN HE22 H  N N 106 
GLN HXT  H  N N 107 
GLU N    N  N N 108 
GLU CA   C  N S 109 
GLU C    C  N N 110 
GLU O    O  N N 111 
GLU CB   C  N N 112 
GLU CG   C  N N 113 
GLU CD   C  N N 114 
GLU OE1  O  N N 115 
GLU OE2  O  N N 116 
GLU OXT  O  N N 117 
GLU H    H  N N 118 
GLU H2   H  N N 119 
GLU HA   H  N N 120 
GLU HB2  H  N N 121 
GLU HB3  H  N N 122 
GLU HG2  H  N N 123 
GLU HG3  H  N N 124 
GLU HE2  H  N N 125 
GLU HXT  H  N N 126 
GLY N    N  N N 127 
GLY CA   C  N N 128 
GLY C    C  N N 129 
GLY O    O  N N 130 
GLY OXT  O  N N 131 
GLY H    H  N N 132 
GLY H2   H  N N 133 
GLY HA2  H  N N 134 
GLY HA3  H  N N 135 
GLY HXT  H  N N 136 
HIS N    N  N N 137 
HIS CA   C  N S 138 
HIS C    C  N N 139 
HIS O    O  N N 140 
HIS CB   C  N N 141 
HIS CG   C  Y N 142 
HIS ND1  N  Y N 143 
HIS CD2  C  Y N 144 
HIS CE1  C  Y N 145 
HIS NE2  N  Y N 146 
HIS OXT  O  N N 147 
HIS H    H  N N 148 
HIS H2   H  N N 149 
HIS HA   H  N N 150 
HIS HB2  H  N N 151 
HIS HB3  H  N N 152 
HIS HD1  H  N N 153 
HIS HD2  H  N N 154 
HIS HE1  H  N N 155 
HIS HE2  H  N N 156 
HIS HXT  H  N N 157 
HOH O    O  N N 158 
HOH H1   H  N N 159 
HOH H2   H  N N 160 
ILE N    N  N N 161 
ILE CA   C  N S 162 
ILE C    C  N N 163 
ILE O    O  N N 164 
ILE CB   C  N S 165 
ILE CG1  C  N N 166 
ILE CG2  C  N N 167 
ILE CD1  C  N N 168 
ILE OXT  O  N N 169 
ILE H    H  N N 170 
ILE H2   H  N N 171 
ILE HA   H  N N 172 
ILE HB   H  N N 173 
ILE HG12 H  N N 174 
ILE HG13 H  N N 175 
ILE HG21 H  N N 176 
ILE HG22 H  N N 177 
ILE HG23 H  N N 178 
ILE HD11 H  N N 179 
ILE HD12 H  N N 180 
ILE HD13 H  N N 181 
ILE HXT  H  N N 182 
LEU N    N  N N 183 
LEU CA   C  N S 184 
LEU C    C  N N 185 
LEU O    O  N N 186 
LEU CB   C  N N 187 
LEU CG   C  N N 188 
LEU CD1  C  N N 189 
LEU CD2  C  N N 190 
LEU OXT  O  N N 191 
LEU H    H  N N 192 
LEU H2   H  N N 193 
LEU HA   H  N N 194 
LEU HB2  H  N N 195 
LEU HB3  H  N N 196 
LEU HG   H  N N 197 
LEU HD11 H  N N 198 
LEU HD12 H  N N 199 
LEU HD13 H  N N 200 
LEU HD21 H  N N 201 
LEU HD22 H  N N 202 
LEU HD23 H  N N 203 
LEU HXT  H  N N 204 
LYS N    N  N N 205 
LYS CA   C  N S 206 
LYS C    C  N N 207 
LYS O    O  N N 208 
LYS CB   C  N N 209 
LYS CG   C  N N 210 
LYS CD   C  N N 211 
LYS CE   C  N N 212 
LYS NZ   N  N N 213 
LYS OXT  O  N N 214 
LYS H    H  N N 215 
LYS H2   H  N N 216 
LYS HA   H  N N 217 
LYS HB2  H  N N 218 
LYS HB3  H  N N 219 
LYS HG2  H  N N 220 
LYS HG3  H  N N 221 
LYS HD2  H  N N 222 
LYS HD3  H  N N 223 
LYS HE2  H  N N 224 
LYS HE3  H  N N 225 
LYS HZ1  H  N N 226 
LYS HZ2  H  N N 227 
LYS HZ3  H  N N 228 
LYS HXT  H  N N 229 
MET N    N  N N 230 
MET CA   C  N S 231 
MET C    C  N N 232 
MET O    O  N N 233 
MET CB   C  N N 234 
MET CG   C  N N 235 
MET SD   S  N N 236 
MET CE   C  N N 237 
MET OXT  O  N N 238 
MET H    H  N N 239 
MET H2   H  N N 240 
MET HA   H  N N 241 
MET HB2  H  N N 242 
MET HB3  H  N N 243 
MET HG2  H  N N 244 
MET HG3  H  N N 245 
MET HE1  H  N N 246 
MET HE2  H  N N 247 
MET HE3  H  N N 248 
MET HXT  H  N N 249 
PHE N    N  N N 250 
PHE CA   C  N S 251 
PHE C    C  N N 252 
PHE O    O  N N 253 
PHE CB   C  N N 254 
PHE CG   C  Y N 255 
PHE CD1  C  Y N 256 
PHE CD2  C  Y N 257 
PHE CE1  C  Y N 258 
PHE CE2  C  Y N 259 
PHE CZ   C  Y N 260 
PHE OXT  O  N N 261 
PHE H    H  N N 262 
PHE H2   H  N N 263 
PHE HA   H  N N 264 
PHE HB2  H  N N 265 
PHE HB3  H  N N 266 
PHE HD1  H  N N 267 
PHE HD2  H  N N 268 
PHE HE1  H  N N 269 
PHE HE2  H  N N 270 
PHE HZ   H  N N 271 
PHE HXT  H  N N 272 
PRO N    N  N N 273 
PRO CA   C  N S 274 
PRO C    C  N N 275 
PRO O    O  N N 276 
PRO CB   C  N N 277 
PRO CG   C  N N 278 
PRO CD   C  N N 279 
PRO OXT  O  N N 280 
PRO H    H  N N 281 
PRO HA   H  N N 282 
PRO HB2  H  N N 283 
PRO HB3  H  N N 284 
PRO HG2  H  N N 285 
PRO HG3  H  N N 286 
PRO HD2  H  N N 287 
PRO HD3  H  N N 288 
PRO HXT  H  N N 289 
SER N    N  N N 290 
SER CA   C  N S 291 
SER C    C  N N 292 
SER O    O  N N 293 
SER CB   C  N N 294 
SER OG   O  N N 295 
SER OXT  O  N N 296 
SER H    H  N N 297 
SER H2   H  N N 298 
SER HA   H  N N 299 
SER HB2  H  N N 300 
SER HB3  H  N N 301 
SER HG   H  N N 302 
SER HXT  H  N N 303 
THR N    N  N N 304 
THR CA   C  N S 305 
THR C    C  N N 306 
THR O    O  N N 307 
THR CB   C  N R 308 
THR OG1  O  N N 309 
THR CG2  C  N N 310 
THR OXT  O  N N 311 
THR H    H  N N 312 
THR H2   H  N N 313 
THR HA   H  N N 314 
THR HB   H  N N 315 
THR HG1  H  N N 316 
THR HG21 H  N N 317 
THR HG22 H  N N 318 
THR HG23 H  N N 319 
THR HXT  H  N N 320 
TRP N    N  N N 321 
TRP CA   C  N S 322 
TRP C    C  N N 323 
TRP O    O  N N 324 
TRP CB   C  N N 325 
TRP CG   C  Y N 326 
TRP CD1  C  Y N 327 
TRP CD2  C  Y N 328 
TRP NE1  N  Y N 329 
TRP CE2  C  Y N 330 
TRP CE3  C  Y N 331 
TRP CZ2  C  Y N 332 
TRP CZ3  C  Y N 333 
TRP CH2  C  Y N 334 
TRP OXT  O  N N 335 
TRP H    H  N N 336 
TRP H2   H  N N 337 
TRP HA   H  N N 338 
TRP HB2  H  N N 339 
TRP HB3  H  N N 340 
TRP HD1  H  N N 341 
TRP HE1  H  N N 342 
TRP HE3  H  N N 343 
TRP HZ2  H  N N 344 
TRP HZ3  H  N N 345 
TRP HH2  H  N N 346 
TRP HXT  H  N N 347 
TYR N    N  N N 348 
TYR CA   C  N S 349 
TYR C    C  N N 350 
TYR O    O  N N 351 
TYR CB   C  N N 352 
TYR CG   C  Y N 353 
TYR CD1  C  Y N 354 
TYR CD2  C  Y N 355 
TYR CE1  C  Y N 356 
TYR CE2  C  Y N 357 
TYR CZ   C  Y N 358 
TYR OH   O  N N 359 
TYR OXT  O  N N 360 
TYR H    H  N N 361 
TYR H2   H  N N 362 
TYR HA   H  N N 363 
TYR HB2  H  N N 364 
TYR HB3  H  N N 365 
TYR HD1  H  N N 366 
TYR HD2  H  N N 367 
TYR HE1  H  N N 368 
TYR HE2  H  N N 369 
TYR HH   H  N N 370 
TYR HXT  H  N N 371 
VAL N    N  N N 372 
VAL CA   C  N S 373 
VAL C    C  N N 374 
VAL O    O  N N 375 
VAL CB   C  N N 376 
VAL CG1  C  N N 377 
VAL CG2  C  N N 378 
VAL OXT  O  N N 379 
VAL H    H  N N 380 
VAL H2   H  N N 381 
VAL HA   H  N N 382 
VAL HB   H  N N 383 
VAL HG11 H  N N 384 
VAL HG12 H  N N 385 
VAL HG13 H  N N 386 
VAL HG21 H  N N 387 
VAL HG22 H  N N 388 
VAL HG23 H  N N 389 
VAL HXT  H  N N 390 
ZN  ZN   ZN N N 391 
# 
loop_
_chem_comp_bond.comp_id 
_chem_comp_bond.atom_id_1 
_chem_comp_bond.atom_id_2 
_chem_comp_bond.value_order 
_chem_comp_bond.pdbx_aromatic_flag 
_chem_comp_bond.pdbx_stereo_config 
_chem_comp_bond.pdbx_ordinal 
ALA N   CA   sing N N 1   
ALA N   H    sing N N 2   
ALA N   H2   sing N N 3   
ALA CA  C    sing N N 4   
ALA CA  CB   sing N N 5   
ALA CA  HA   sing N N 6   
ALA C   O    doub N N 7   
ALA C   OXT  sing N N 8   
ALA CB  HB1  sing N N 9   
ALA CB  HB2  sing N N 10  
ALA CB  HB3  sing N N 11  
ALA OXT HXT  sing N N 12  
ARG N   CA   sing N N 13  
ARG N   H    sing N N 14  
ARG N   H2   sing N N 15  
ARG CA  C    sing N N 16  
ARG CA  CB   sing N N 17  
ARG CA  HA   sing N N 18  
ARG C   O    doub N N 19  
ARG C   OXT  sing N N 20  
ARG CB  CG   sing N N 21  
ARG CB  HB2  sing N N 22  
ARG CB  HB3  sing N N 23  
ARG CG  CD   sing N N 24  
ARG CG  HG2  sing N N 25  
ARG CG  HG3  sing N N 26  
ARG CD  NE   sing N N 27  
ARG CD  HD2  sing N N 28  
ARG CD  HD3  sing N N 29  
ARG NE  CZ   sing N N 30  
ARG NE  HE   sing N N 31  
ARG CZ  NH1  sing N N 32  
ARG CZ  NH2  doub N N 33  
ARG NH1 HH11 sing N N 34  
ARG NH1 HH12 sing N N 35  
ARG NH2 HH21 sing N N 36  
ARG NH2 HH22 sing N N 37  
ARG OXT HXT  sing N N 38  
ASN N   CA   sing N N 39  
ASN N   H    sing N N 40  
ASN N   H2   sing N N 41  
ASN CA  C    sing N N 42  
ASN CA  CB   sing N N 43  
ASN CA  HA   sing N N 44  
ASN C   O    doub N N 45  
ASN C   OXT  sing N N 46  
ASN CB  CG   sing N N 47  
ASN CB  HB2  sing N N 48  
ASN CB  HB3  sing N N 49  
ASN CG  OD1  doub N N 50  
ASN CG  ND2  sing N N 51  
ASN ND2 HD21 sing N N 52  
ASN ND2 HD22 sing N N 53  
ASN OXT HXT  sing N N 54  
ASP N   CA   sing N N 55  
ASP N   H    sing N N 56  
ASP N   H2   sing N N 57  
ASP CA  C    sing N N 58  
ASP CA  CB   sing N N 59  
ASP CA  HA   sing N N 60  
ASP C   O    doub N N 61  
ASP C   OXT  sing N N 62  
ASP CB  CG   sing N N 63  
ASP CB  HB2  sing N N 64  
ASP CB  HB3  sing N N 65  
ASP CG  OD1  doub N N 66  
ASP CG  OD2  sing N N 67  
ASP OD2 HD2  sing N N 68  
ASP OXT HXT  sing N N 69  
CYS N   CA   sing N N 70  
CYS N   H    sing N N 71  
CYS N   H2   sing N N 72  
CYS CA  C    sing N N 73  
CYS CA  CB   sing N N 74  
CYS CA  HA   sing N N 75  
CYS C   O    doub N N 76  
CYS C   OXT  sing N N 77  
CYS CB  SG   sing N N 78  
CYS CB  HB2  sing N N 79  
CYS CB  HB3  sing N N 80  
CYS SG  HG   sing N N 81  
CYS OXT HXT  sing N N 82  
GLN N   CA   sing N N 83  
GLN N   H    sing N N 84  
GLN N   H2   sing N N 85  
GLN CA  C    sing N N 86  
GLN CA  CB   sing N N 87  
GLN CA  HA   sing N N 88  
GLN C   O    doub N N 89  
GLN C   OXT  sing N N 90  
GLN CB  CG   sing N N 91  
GLN CB  HB2  sing N N 92  
GLN CB  HB3  sing N N 93  
GLN CG  CD   sing N N 94  
GLN CG  HG2  sing N N 95  
GLN CG  HG3  sing N N 96  
GLN CD  OE1  doub N N 97  
GLN CD  NE2  sing N N 98  
GLN NE2 HE21 sing N N 99  
GLN NE2 HE22 sing N N 100 
GLN OXT HXT  sing N N 101 
GLU N   CA   sing N N 102 
GLU N   H    sing N N 103 
GLU N   H2   sing N N 104 
GLU CA  C    sing N N 105 
GLU CA  CB   sing N N 106 
GLU CA  HA   sing N N 107 
GLU C   O    doub N N 108 
GLU C   OXT  sing N N 109 
GLU CB  CG   sing N N 110 
GLU CB  HB2  sing N N 111 
GLU CB  HB3  sing N N 112 
GLU CG  CD   sing N N 113 
GLU CG  HG2  sing N N 114 
GLU CG  HG3  sing N N 115 
GLU CD  OE1  doub N N 116 
GLU CD  OE2  sing N N 117 
GLU OE2 HE2  sing N N 118 
GLU OXT HXT  sing N N 119 
GLY N   CA   sing N N 120 
GLY N   H    sing N N 121 
GLY N   H2   sing N N 122 
GLY CA  C    sing N N 123 
GLY CA  HA2  sing N N 124 
GLY CA  HA3  sing N N 125 
GLY C   O    doub N N 126 
GLY C   OXT  sing N N 127 
GLY OXT HXT  sing N N 128 
HIS N   CA   sing N N 129 
HIS N   H    sing N N 130 
HIS N   H2   sing N N 131 
HIS CA  C    sing N N 132 
HIS CA  CB   sing N N 133 
HIS CA  HA   sing N N 134 
HIS C   O    doub N N 135 
HIS C   OXT  sing N N 136 
HIS CB  CG   sing N N 137 
HIS CB  HB2  sing N N 138 
HIS CB  HB3  sing N N 139 
HIS CG  ND1  sing Y N 140 
HIS CG  CD2  doub Y N 141 
HIS ND1 CE1  doub Y N 142 
HIS ND1 HD1  sing N N 143 
HIS CD2 NE2  sing Y N 144 
HIS CD2 HD2  sing N N 145 
HIS CE1 NE2  sing Y N 146 
HIS CE1 HE1  sing N N 147 
HIS NE2 HE2  sing N N 148 
HIS OXT HXT  sing N N 149 
HOH O   H1   sing N N 150 
HOH O   H2   sing N N 151 
ILE N   CA   sing N N 152 
ILE N   H    sing N N 153 
ILE N   H2   sing N N 154 
ILE CA  C    sing N N 155 
ILE CA  CB   sing N N 156 
ILE CA  HA   sing N N 157 
ILE C   O    doub N N 158 
ILE C   OXT  sing N N 159 
ILE CB  CG1  sing N N 160 
ILE CB  CG2  sing N N 161 
ILE CB  HB   sing N N 162 
ILE CG1 CD1  sing N N 163 
ILE CG1 HG12 sing N N 164 
ILE CG1 HG13 sing N N 165 
ILE CG2 HG21 sing N N 166 
ILE CG2 HG22 sing N N 167 
ILE CG2 HG23 sing N N 168 
ILE CD1 HD11 sing N N 169 
ILE CD1 HD12 sing N N 170 
ILE CD1 HD13 sing N N 171 
ILE OXT HXT  sing N N 172 
LEU N   CA   sing N N 173 
LEU N   H    sing N N 174 
LEU N   H2   sing N N 175 
LEU CA  C    sing N N 176 
LEU CA  CB   sing N N 177 
LEU CA  HA   sing N N 178 
LEU C   O    doub N N 179 
LEU C   OXT  sing N N 180 
LEU CB  CG   sing N N 181 
LEU CB  HB2  sing N N 182 
LEU CB  HB3  sing N N 183 
LEU CG  CD1  sing N N 184 
LEU CG  CD2  sing N N 185 
LEU CG  HG   sing N N 186 
LEU CD1 HD11 sing N N 187 
LEU CD1 HD12 sing N N 188 
LEU CD1 HD13 sing N N 189 
LEU CD2 HD21 sing N N 190 
LEU CD2 HD22 sing N N 191 
LEU CD2 HD23 sing N N 192 
LEU OXT HXT  sing N N 193 
LYS N   CA   sing N N 194 
LYS N   H    sing N N 195 
LYS N   H2   sing N N 196 
LYS CA  C    sing N N 197 
LYS CA  CB   sing N N 198 
LYS CA  HA   sing N N 199 
LYS C   O    doub N N 200 
LYS C   OXT  sing N N 201 
LYS CB  CG   sing N N 202 
LYS CB  HB2  sing N N 203 
LYS CB  HB3  sing N N 204 
LYS CG  CD   sing N N 205 
LYS CG  HG2  sing N N 206 
LYS CG  HG3  sing N N 207 
LYS CD  CE   sing N N 208 
LYS CD  HD2  sing N N 209 
LYS CD  HD3  sing N N 210 
LYS CE  NZ   sing N N 211 
LYS CE  HE2  sing N N 212 
LYS CE  HE3  sing N N 213 
LYS NZ  HZ1  sing N N 214 
LYS NZ  HZ2  sing N N 215 
LYS NZ  HZ3  sing N N 216 
LYS OXT HXT  sing N N 217 
MET N   CA   sing N N 218 
MET N   H    sing N N 219 
MET N   H2   sing N N 220 
MET CA  C    sing N N 221 
MET CA  CB   sing N N 222 
MET CA  HA   sing N N 223 
MET C   O    doub N N 224 
MET C   OXT  sing N N 225 
MET CB  CG   sing N N 226 
MET CB  HB2  sing N N 227 
MET CB  HB3  sing N N 228 
MET CG  SD   sing N N 229 
MET CG  HG2  sing N N 230 
MET CG  HG3  sing N N 231 
MET SD  CE   sing N N 232 
MET CE  HE1  sing N N 233 
MET CE  HE2  sing N N 234 
MET CE  HE3  sing N N 235 
MET OXT HXT  sing N N 236 
PHE N   CA   sing N N 237 
PHE N   H    sing N N 238 
PHE N   H2   sing N N 239 
PHE CA  C    sing N N 240 
PHE CA  CB   sing N N 241 
PHE CA  HA   sing N N 242 
PHE C   O    doub N N 243 
PHE C   OXT  sing N N 244 
PHE CB  CG   sing N N 245 
PHE CB  HB2  sing N N 246 
PHE CB  HB3  sing N N 247 
PHE CG  CD1  doub Y N 248 
PHE CG  CD2  sing Y N 249 
PHE CD1 CE1  sing Y N 250 
PHE CD1 HD1  sing N N 251 
PHE CD2 CE2  doub Y N 252 
PHE CD2 HD2  sing N N 253 
PHE CE1 CZ   doub Y N 254 
PHE CE1 HE1  sing N N 255 
PHE CE2 CZ   sing Y N 256 
PHE CE2 HE2  sing N N 257 
PHE CZ  HZ   sing N N 258 
PHE OXT HXT  sing N N 259 
PRO N   CA   sing N N 260 
PRO N   CD   sing N N 261 
PRO N   H    sing N N 262 
PRO CA  C    sing N N 263 
PRO CA  CB   sing N N 264 
PRO CA  HA   sing N N 265 
PRO C   O    doub N N 266 
PRO C   OXT  sing N N 267 
PRO CB  CG   sing N N 268 
PRO CB  HB2  sing N N 269 
PRO CB  HB3  sing N N 270 
PRO CG  CD   sing N N 271 
PRO CG  HG2  sing N N 272 
PRO CG  HG3  sing N N 273 
PRO CD  HD2  sing N N 274 
PRO CD  HD3  sing N N 275 
PRO OXT HXT  sing N N 276 
SER N   CA   sing N N 277 
SER N   H    sing N N 278 
SER N   H2   sing N N 279 
SER CA  C    sing N N 280 
SER CA  CB   sing N N 281 
SER CA  HA   sing N N 282 
SER C   O    doub N N 283 
SER C   OXT  sing N N 284 
SER CB  OG   sing N N 285 
SER CB  HB2  sing N N 286 
SER CB  HB3  sing N N 287 
SER OG  HG   sing N N 288 
SER OXT HXT  sing N N 289 
THR N   CA   sing N N 290 
THR N   H    sing N N 291 
THR N   H2   sing N N 292 
THR CA  C    sing N N 293 
THR CA  CB   sing N N 294 
THR CA  HA   sing N N 295 
THR C   O    doub N N 296 
THR C   OXT  sing N N 297 
THR CB  OG1  sing N N 298 
THR CB  CG2  sing N N 299 
THR CB  HB   sing N N 300 
THR OG1 HG1  sing N N 301 
THR CG2 HG21 sing N N 302 
THR CG2 HG22 sing N N 303 
THR CG2 HG23 sing N N 304 
THR OXT HXT  sing N N 305 
TRP N   CA   sing N N 306 
TRP N   H    sing N N 307 
TRP N   H2   sing N N 308 
TRP CA  C    sing N N 309 
TRP CA  CB   sing N N 310 
TRP CA  HA   sing N N 311 
TRP C   O    doub N N 312 
TRP C   OXT  sing N N 313 
TRP CB  CG   sing N N 314 
TRP CB  HB2  sing N N 315 
TRP CB  HB3  sing N N 316 
TRP CG  CD1  doub Y N 317 
TRP CG  CD2  sing Y N 318 
TRP CD1 NE1  sing Y N 319 
TRP CD1 HD1  sing N N 320 
TRP CD2 CE2  doub Y N 321 
TRP CD2 CE3  sing Y N 322 
TRP NE1 CE2  sing Y N 323 
TRP NE1 HE1  sing N N 324 
TRP CE2 CZ2  sing Y N 325 
TRP CE3 CZ3  doub Y N 326 
TRP CE3 HE3  sing N N 327 
TRP CZ2 CH2  doub Y N 328 
TRP CZ2 HZ2  sing N N 329 
TRP CZ3 CH2  sing Y N 330 
TRP CZ3 HZ3  sing N N 331 
TRP CH2 HH2  sing N N 332 
TRP OXT HXT  sing N N 333 
TYR N   CA   sing N N 334 
TYR N   H    sing N N 335 
TYR N   H2   sing N N 336 
TYR CA  C    sing N N 337 
TYR CA  CB   sing N N 338 
TYR CA  HA   sing N N 339 
TYR C   O    doub N N 340 
TYR C   OXT  sing N N 341 
TYR CB  CG   sing N N 342 
TYR CB  HB2  sing N N 343 
TYR CB  HB3  sing N N 344 
TYR CG  CD1  doub Y N 345 
TYR CG  CD2  sing Y N 346 
TYR CD1 CE1  sing Y N 347 
TYR CD1 HD1  sing N N 348 
TYR CD2 CE2  doub Y N 349 
TYR CD2 HD2  sing N N 350 
TYR CE1 CZ   doub Y N 351 
TYR CE1 HE1  sing N N 352 
TYR CE2 CZ   sing Y N 353 
TYR CE2 HE2  sing N N 354 
TYR CZ  OH   sing N N 355 
TYR OH  HH   sing N N 356 
TYR OXT HXT  sing N N 357 
VAL N   CA   sing N N 358 
VAL N   H    sing N N 359 
VAL N   H2   sing N N 360 
VAL CA  C    sing N N 361 
VAL CA  CB   sing N N 362 
VAL CA  HA   sing N N 363 
VAL C   O    doub N N 364 
VAL C   OXT  sing N N 365 
VAL CB  CG1  sing N N 366 
VAL CB  CG2  sing N N 367 
VAL CB  HB   sing N N 368 
VAL CG1 HG11 sing N N 369 
VAL CG1 HG12 sing N N 370 
VAL CG1 HG13 sing N N 371 
VAL CG2 HG21 sing N N 372 
VAL CG2 HG22 sing N N 373 
VAL CG2 HG23 sing N N 374 
VAL OXT HXT  sing N N 375 
# 
_atom_sites.entry_id                    1VFY 
_atom_sites.fract_transf_matrix[1][1]   -0.00072034 
_atom_sites.fract_transf_matrix[1][2]   -0.04263666 
_atom_sites.fract_transf_matrix[1][3]   -0.00964298 
_atom_sites.fract_transf_matrix[2][1]   0.03991168 
_atom_sites.fract_transf_matrix[2][2]   -0.01481008 
_atom_sites.fract_transf_matrix[2][3]   0.00245414 
_atom_sites.fract_transf_matrix[3][1]   0.00800996 
_atom_sites.fract_transf_matrix[3][2]   -0.01299131 
_atom_sites.fract_transf_matrix[3][3]   0.03098958 
_atom_sites.fract_transf_vector[1]      1.216480 
_atom_sites.fract_transf_vector[2]      1.245906 
_atom_sites.fract_transf_vector[3]      1.330552 
# 
loop_
_atom_type.symbol 
C  
N  
O  
S  
ZN 
# 
loop_
_atom_site.group_PDB 
_atom_site.id 
_atom_site.type_symbol 
_atom_site.label_atom_id 
_atom_site.label_alt_id 
_atom_site.label_comp_id 
_atom_site.label_asym_id 
_atom_site.label_entity_id 
_atom_site.label_seq_id 
_atom_site.pdbx_PDB_ins_code 
_atom_site.Cartn_x 
_atom_site.Cartn_y 
_atom_site.Cartn_z 
_atom_site.occupancy 
_atom_site.B_iso_or_equiv 
_atom_site.pdbx_formal_charge 
_atom_site.auth_seq_id 
_atom_site.auth_comp_id 
_atom_site.auth_asym_id 
_atom_site.auth_atom_id 
_atom_site.pdbx_PDB_model_num 
ATOM   1   N  N   . ASP A 1 7  ? 7.999   5.368   10.509  1.00 18.09 ? 169 ASP A N   1 
ATOM   2   C  CA  . ASP A 1 7  ? 7.488   4.317   9.566   1.00 16.84 ? 169 ASP A CA  1 
ATOM   3   C  C   . ASP A 1 7  ? 6.399   4.878   8.655   1.00 9.03  ? 169 ASP A C   1 
ATOM   4   O  O   . ASP A 1 7  ? 6.688   5.104   7.517   1.00 12.14 ? 169 ASP A O   1 
ATOM   5   C  CB  . ASP A 1 7  ? 6.987   3.093   10.309  1.00 27.95 ? 169 ASP A CB  1 
ATOM   6   C  CG  . ASP A 1 7  ? 6.902   1.876   9.401   1.00 25.30 ? 169 ASP A CG  1 
ATOM   7   O  OD1 . ASP A 1 7  ? 7.920   1.564   8.729   1.00 30.03 ? 169 ASP A OD1 1 
ATOM   8   O  OD2 . ASP A 1 7  ? 5.827   1.240   9.361   1.00 37.73 ? 169 ASP A OD2 1 
ATOM   9   N  N   . TRP A 1 8  ? 5.175   5.097   9.121   1.00 9.21  ? 170 TRP A N   1 
ATOM   10  C  CA  . TRP A 1 8  ? 4.184   5.699   8.229   1.00 7.79  ? 170 TRP A CA  1 
ATOM   11  C  C   . TRP A 1 8  ? 4.435   7.200   8.061   1.00 8.32  ? 170 TRP A C   1 
ATOM   12  O  O   . TRP A 1 8  ? 4.872   7.891   9.003   1.00 8.38  ? 170 TRP A O   1 
ATOM   13  C  CB  . TRP A 1 8  ? 2.779   5.477   8.783   1.00 9.26  ? 170 TRP A CB  1 
ATOM   14  C  CG  . TRP A 1 8  ? 2.232   4.077   8.653   1.00 8.90  ? 170 TRP A CG  1 
ATOM   15  C  CD1 . TRP A 1 8  ? 2.932   2.934   8.471   1.00 11.52 ? 170 TRP A CD1 1 
ATOM   16  C  CD2 . TRP A 1 8  ? 0.846   3.698   8.714   1.00 9.02  ? 170 TRP A CD2 1 
ATOM   17  N  NE1 . TRP A 1 8  ? 2.068   1.846   8.416   1.00 11.26 ? 170 TRP A NE1 1 
ATOM   18  C  CE2 . TRP A 1 8  ? 0.790   2.295   8.565   1.00 10.65 ? 170 TRP A CE2 1 
ATOM   19  C  CE3 . TRP A 1 8  ? -0.340  4.412   8.882   1.00 13.23 ? 170 TRP A CE3 1 
ATOM   20  C  CZ2 . TRP A 1 8  ? -0.414  1.591   8.583   1.00 11.59 ? 170 TRP A CZ2 1 
ATOM   21  C  CZ3 . TRP A 1 8  ? -1.532  3.716   8.901   1.00 14.05 ? 170 TRP A CZ3 1 
ATOM   22  C  CH2 . TRP A 1 8  ? -1.558  2.316   8.752   1.00 11.18 ? 170 TRP A CH2 1 
ATOM   23  N  N   . ILE A 1 9  ? 4.183   7.711   6.855   1.00 6.81  ? 171 ILE A N   1 
ATOM   24  C  CA  . ILE A 1 9  ? 4.269   9.141   6.599   1.00 6.58  ? 171 ILE A CA  1 
ATOM   25  C  C   . ILE A 1 9  ? 2.837   9.593   6.292   1.00 6.19  ? 171 ILE A C   1 
ATOM   26  O  O   . ILE A 1 9  ? 1.909   8.795   6.373   1.00 7.51  ? 171 ILE A O   1 
ATOM   27  C  CB  . ILE A 1 9  ? 5.213   9.476   5.424   1.00 6.25  ? 171 ILE A CB  1 
ATOM   28  C  CG1 . ILE A 1 9  ? 4.788   8.740   4.157   1.00 8.25  ? 171 ILE A CG1 1 
ATOM   29  C  CG2 . ILE A 1 9  ? 6.648   9.072   5.797   1.00 8.23  ? 171 ILE A CG2 1 
ATOM   30  C  CD1 . ILE A 1 9  ? 5.507   9.218   2.915   1.00 19.47 ? 171 ILE A CD1 1 
ATOM   31  N  N   . ASP A 1 10 ? 2.647   10.868  5.992   1.00 6.16  ? 172 ASP A N   1 
ATOM   32  C  CA  . ASP A 1 10 ? 1.339   11.339  5.580   1.00 6.80  ? 172 ASP A CA  1 
ATOM   33  C  C   . ASP A 1 10 ? 1.509   12.390  4.483   1.00 6.37  ? 172 ASP A C   1 
ATOM   34  O  O   . ASP A 1 10 ? 2.564   13.035  4.316   1.00 6.23  ? 172 ASP A O   1 
ATOM   35  C  CB  . ASP A 1 10 ? 0.574   11.940  6.762   1.00 7.86  ? 172 ASP A CB  1 
ATOM   36  C  CG  . ASP A 1 10 ? -0.936  11.819  6.614   1.00 14.11 ? 172 ASP A CG  1 
ATOM   37  O  OD1 . ASP A 1 10 ? -1.460  11.406  5.542   1.00 9.81  ? 172 ASP A OD1 1 
ATOM   38  O  OD2 . ASP A 1 10 ? -1.614  12.149  7.605   1.00 17.66 ? 172 ASP A OD2 1 
ATOM   39  N  N   . SER A 1 11 ? 0.452   12.507  3.676   1.00 6.83  ? 173 SER A N   1 
ATOM   40  C  CA  . SER A 1 11 ? 0.407   13.514  2.624   1.00 8.03  ? 173 SER A CA  1 
ATOM   41  C  C   . SER A 1 11 ? -1.044  13.676  2.225   1.00 8.71  ? 173 SER A C   1 
ATOM   42  O  O   . SER A 1 11 ? -1.915  12.868  2.615   1.00 8.86  ? 173 SER A O   1 
ATOM   43  C  CB  . SER A 1 11 ? 1.216   13.083  1.415   1.00 7.20  ? 173 SER A CB  1 
ATOM   44  O  OG  . SER A 1 11 ? 1.301   14.155  0.507   1.00 12.07 ? 173 SER A OG  1 
ATOM   45  N  N   . ASP A 1 12 ? -1.304  14.746  1.481   1.00 8.89  ? 174 ASP A N   1 
ATOM   46  C  CA  . ASP A 1 12 ? -2.654  15.006  1.006   1.00 9.00  ? 174 ASP A CA  1 
ATOM   47  C  C   . ASP A 1 12 ? -2.973  14.401  -0.366  1.00 8.66  ? 174 ASP A C   1 
ATOM   48  O  O   . ASP A 1 12 ? -4.111  14.548  -0.848  1.00 8.74  ? 174 ASP A O   1 
ATOM   49  C  CB  . ASP A 1 12 ? -2.938  16.518  1.023   1.00 12.61 ? 174 ASP A CB  1 
ATOM   50  C  CG  . ASP A 1 12 ? -2.086  17.291  0.068   1.00 12.82 ? 174 ASP A CG  1 
ATOM   51  O  OD1 . ASP A 1 12 ? -1.213  16.729  -0.608  1.00 18.53 ? 174 ASP A OD1 1 
ATOM   52  O  OD2 . ASP A 1 12 ? -2.310  18.524  -0.001  1.00 21.51 ? 174 ASP A OD2 1 
ATOM   53  N  N   . ALA A 1 13 ? -2.020  13.712  -0.982  1.00 9.08  ? 175 ALA A N   1 
ATOM   54  C  CA  . ALA A 1 13 ? -2.256  13.146  -2.305  1.00 8.25  ? 175 ALA A CA  1 
ATOM   55  C  C   . ALA A 1 13 ? -1.541  11.816  -2.465  1.00 8.05  ? 175 ALA A C   1 
ATOM   56  O  O   . ALA A 1 13 ? -0.575  11.517  -1.762  1.00 7.53  ? 175 ALA A O   1 
ATOM   57  C  CB  . ALA A 1 13 ? -1.777  14.149  -3.383  1.00 10.62 ? 175 ALA A CB  1 
ATOM   58  N  N   . CYS A 1 14 ? -2.034  11.005  -3.383  1.00 7.64  ? 176 CYS A N   1 
ATOM   59  C  CA  . CYS A 1 14 ? -1.457  9.705   -3.675  1.00 7.20  ? 176 CYS A CA  1 
ATOM   60  C  C   . CYS A 1 14 ? -0.026  9.867   -4.160  1.00 8.99  ? 176 CYS A C   1 
ATOM   61  O  O   . CYS A 1 14 ? 0.257   10.699  -5.044  1.00 10.70 ? 176 CYS A O   1 
ATOM   62  C  CB  . CYS A 1 14 ? -2.270  8.997   -4.748  1.00 7.60  ? 176 CYS A CB  1 
ATOM   63  S  SG  . CYS A 1 14 ? -1.589  7.392   -5.300  1.00 8.16  ? 176 CYS A SG  1 
ATOM   64  N  N   . MET A 1 15 ? 0.881   9.068   -3.616  1.00 9.14  ? 177 MET A N   1 
ATOM   65  C  CA  . MET A 1 15 ? 2.286   9.171   -4.010  1.00 9.57  ? 177 MET A CA  1 
ATOM   66  C  C   . MET A 1 15 ? 2.549   8.716   -5.448  1.00 13.74 ? 177 MET A C   1 
ATOM   67  O  O   . MET A 1 15 ? 3.570   9.116   -6.046  1.00 16.85 ? 177 MET A O   1 
ATOM   68  C  CB  . MET A 1 15 ? 3.148   8.375   -3.041  1.00 11.73 ? 177 MET A CB  1 
ATOM   69  C  CG  . MET A 1 15 ? 3.180   9.010   -1.691  1.00 11.14 ? 177 MET A CG  1 
ATOM   70  S  SD  . MET A 1 15 ? 4.227   8.078   -0.618  1.00 13.67 ? 177 MET A SD  1 
ATOM   71  C  CE  . MET A 1 15 ? 5.742   9.009   -0.751  1.00 20.85 ? 177 MET A CE  1 
ATOM   72  N  N   . ILE A 1 16 ? 1.640   7.938   -6.022  1.00 12.91 ? 178 ILE A N   1 
ATOM   73  C  CA  . ILE A 1 16 ? 1.837   7.485   -7.388  1.00 12.63 ? 178 ILE A CA  1 
ATOM   74  C  C   . ILE A 1 16 ? 1.217   8.451   -8.392  1.00 14.40 ? 178 ILE A C   1 
ATOM   75  O  O   . ILE A 1 16 ? 1.914   8.978   -9.278  1.00 17.65 ? 178 ILE A O   1 
ATOM   76  C  CB  . ILE A 1 16 ? 1.226   6.082   -7.600  1.00 14.99 ? 178 ILE A CB  1 
ATOM   77  C  CG1 . ILE A 1 16 ? 1.999   5.033   -6.794  1.00 14.19 ? 178 ILE A CG1 1 
ATOM   78  C  CG2 . ILE A 1 16 ? 1.216   5.721   -9.084  1.00 17.45 ? 178 ILE A CG2 1 
ATOM   79  C  CD1 . ILE A 1 16 ? 3.475   5.013   -7.064  1.00 19.37 ? 178 ILE A CD1 1 
ATOM   80  N  N   . CYS A 1 17 ? -0.066  8.746   -8.235  1.00 11.66 ? 179 CYS A N   1 
ATOM   81  C  CA  . CYS A 1 17 ? -0.729  9.599   -9.208  1.00 11.05 ? 179 CYS A CA  1 
ATOM   82  C  C   . CYS A 1 17 ? -0.945  11.051  -8.864  1.00 13.12 ? 179 CYS A C   1 
ATOM   83  O  O   . CYS A 1 17 ? -1.433  11.825  -9.701  1.00 15.44 ? 179 CYS A O   1 
ATOM   84  C  CB  . CYS A 1 17 ? -2.060  8.979   -9.620  1.00 12.68 ? 179 CYS A CB  1 
ATOM   85  S  SG  . CYS A 1 17 ? -3.304  8.872   -8.304  1.00 10.34 ? 179 CYS A SG  1 
ATOM   86  N  N   . SER A 1 18 ? -0.616  11.421  -7.629  1.00 11.13 ? 180 SER A N   1 
ATOM   87  C  CA  . SER A 1 18 ? -0.727  12.787  -7.164  1.00 11.84 ? 180 SER A CA  1 
ATOM   88  C  C   . SER A 1 18 ? -2.134  13.357  -7.070  1.00 12.02 ? 180 SER A C   1 
ATOM   89  O  O   . SER A 1 18 ? -2.299  14.551  -6.881  1.00 13.89 ? 180 SER A O   1 
ATOM   90  C  CB  . SER A 1 18 ? 0.155   13.700  -8.025  1.00 16.99 ? 180 SER A CB  1 
ATOM   91  O  OG  . SER A 1 18 ? 1.533   13.380  -7.882  1.00 21.08 ? 180 SER A OG  1 
ATOM   92  N  N   . LYS A 1 19 ? -3.149  12.509  -7.169  1.00 10.20 ? 181 LYS A N   1 
ATOM   93  C  CA  . LYS A 1 19 ? -4.522  12.963  -7.024  1.00 11.65 ? 181 LYS A CA  1 
ATOM   94  C  C   . LYS A 1 19 ? -4.755  13.224  -5.535  1.00 9.55  ? 181 LYS A C   1 
ATOM   95  O  O   . LYS A 1 19 ? -4.295  12.474  -4.650  1.00 9.53  ? 181 LYS A O   1 
ATOM   96  C  CB  . LYS A 1 19 ? -5.493  11.922  -7.586  1.00 9.48  ? 181 LYS A CB  1 
ATOM   97  C  CG  . LYS A 1 19 ? -5.443  11.874  -9.106  1.00 12.97 ? 181 LYS A CG  1 
ATOM   98  C  CD  . LYS A 1 19 ? -6.409  10.881  -9.703  1.00 12.13 ? 181 LYS A CD  1 
ATOM   99  C  CE  . LYS A 1 19 ? -6.231  10.818  -11.212 1.00 16.33 ? 181 LYS A CE  1 
ATOM   100 N  NZ  . LYS A 1 19 ? -7.196  9.869   -11.798 1.00 22.59 ? 181 LYS A NZ  1 
ATOM   101 N  N   . LYS A 1 20 ? -5.436  14.323  -5.233  1.00 9.30  ? 182 LYS A N   1 
ATOM   102 C  CA  . LYS A 1 20 ? -5.678  14.705  -3.852  1.00 8.67  ? 182 LYS A CA  1 
ATOM   103 C  C   . LYS A 1 20 ? -6.787  13.909  -3.211  1.00 8.04  ? 182 LYS A C   1 
ATOM   104 O  O   . LYS A 1 20 ? -7.843  13.695  -3.814  1.00 8.12  ? 182 LYS A O   1 
ATOM   105 C  CB  . LYS A 1 20 ? -6.012  16.191  -3.798  1.00 10.54 ? 182 LYS A CB  1 
ATOM   106 C  CG  . LYS A 1 20 ? -6.171  16.758  -2.398  1.00 17.74 ? 182 LYS A CG  1 
ATOM   107 C  CD  . LYS A 1 20 ? -6.527  18.240  -2.440  1.00 19.68 ? 182 LYS A CD  1 
ATOM   108 C  CE  . LYS A 1 20 ? -5.606  19.073  -1.574  1.00 30.63 ? 182 LYS A CE  1 
ATOM   109 N  NZ  . LYS A 1 20 ? -5.895  18.871  -0.137  1.00 33.39 ? 182 LYS A NZ  1 
ATOM   110 N  N   . PHE A 1 21 ? -6.563  13.467  -1.988  1.00 8.01  ? 183 PHE A N   1 
ATOM   111 C  CA  . PHE A 1 21 ? -7.571  12.660  -1.328  1.00 6.91  ? 183 PHE A CA  1 
ATOM   112 C  C   . PHE A 1 21 ? -8.784  13.475  -0.926  1.00 8.20  ? 183 PHE A C   1 
ATOM   113 O  O   . PHE A 1 21 ? -8.649  14.643  -0.582  1.00 9.02  ? 183 PHE A O   1 
ATOM   114 C  CB  . PHE A 1 21 ? -6.993  11.991  -0.072  1.00 7.34  ? 183 PHE A CB  1 
ATOM   115 C  CG  . PHE A 1 21 ? -5.787  11.140  -0.340  1.00 7.05  ? 183 PHE A CG  1 
ATOM   116 C  CD1 . PHE A 1 21 ? -5.878  10.033  -1.186  1.00 6.60  ? 183 PHE A CD1 1 
ATOM   117 C  CD2 . PHE A 1 21 ? -4.569  11.417  0.272   1.00 8.01  ? 183 PHE A CD2 1 
ATOM   118 C  CE1 . PHE A 1 21 ? -4.779  9.225   -1.408  1.00 6.91  ? 183 PHE A CE1 1 
ATOM   119 C  CE2 . PHE A 1 21 ? -3.463  10.605  0.059   1.00 8.15  ? 183 PHE A CE2 1 
ATOM   120 C  CZ  . PHE A 1 21 ? -3.571  9.524   -0.770  1.00 7.28  ? 183 PHE A CZ  1 
ATOM   121 N  N   . SER A 1 22 ? -9.955  12.837  -0.925  1.00 7.75  ? 184 SER A N   1 
ATOM   122 C  CA  . SER A 1 22 ? -11.184 13.493  -0.477  1.00 6.79  ? 184 SER A CA  1 
ATOM   123 C  C   . SER A 1 22 ? -12.119 12.347  -0.107  1.00 7.40  ? 184 SER A C   1 
ATOM   124 O  O   . SER A 1 22 ? -11.756 11.171  -0.223  1.00 8.09  ? 184 SER A O   1 
ATOM   125 C  CB  . SER A 1 22 ? -11.801 14.321  -1.616  1.00 10.99 ? 184 SER A CB  1 
ATOM   126 O  OG  . SER A 1 22 ? -12.518 13.478  -2.498  1.00 13.91 ? 184 SER A OG  1 
ATOM   127 N  N   . LEU A 1 23 ? -13.331 12.659  0.343   1.00 8.27  ? 185 LEU A N   1 
ATOM   128 C  CA  . LEU A 1 23 ? -14.257 11.593  0.658   1.00 8.66  ? 185 LEU A CA  1 
ATOM   129 C  C   . LEU A 1 23 ? -14.557 10.709  -0.550  1.00 9.88  ? 185 LEU A C   1 
ATOM   130 O  O   . LEU A 1 23 ? -14.935 9.552   -0.365  1.00 10.97 ? 185 LEU A O   1 
ATOM   131 C  CB  . LEU A 1 23 ? -15.570 12.146  1.220   1.00 11.19 ? 185 LEU A CB  1 
ATOM   132 C  CG  . LEU A 1 23 ? -15.447 12.875  2.560   1.00 11.54 ? 185 LEU A CG  1 
ATOM   133 C  CD1 . LEU A 1 23 ? -16.824 13.382  2.994   1.00 15.41 ? 185 LEU A CD1 1 
ATOM   134 C  CD2 . LEU A 1 23 ? -14.852 11.930  3.572   1.00 15.29 ? 185 LEU A CD2 1 
ATOM   135 N  N   . LEU A 1 24 ? -14.414 11.251  -1.759  1.00 8.63  ? 186 LEU A N   1 
ATOM   136 C  CA  . LEU A 1 24 ? -14.665 10.478  -2.984  1.00 9.63  ? 186 LEU A CA  1 
ATOM   137 C  C   . LEU A 1 24 ? -13.419 9.741   -3.518  1.00 10.10 ? 186 LEU A C   1 
ATOM   138 O  O   . LEU A 1 24 ? -13.499 9.046   -4.538  1.00 12.23 ? 186 LEU A O   1 
ATOM   139 C  CB  . LEU A 1 24 ? -15.229 11.383  -4.089  1.00 10.62 ? 186 LEU A CB  1 
ATOM   140 C  CG  . LEU A 1 24 ? -16.612 11.986  -3.792  1.00 15.06 ? 186 LEU A CG  1 
ATOM   141 C  CD1 . LEU A 1 24 ? -17.049 12.864  -4.973  1.00 17.75 ? 186 LEU A CD1 1 
ATOM   142 C  CD2 . LEU A 1 24 ? -17.625 10.888  -3.573  1.00 19.92 ? 186 LEU A CD2 1 
ATOM   143 N  N   . ASN A 1 25 ? -12.261 9.934   -2.876  1.00 8.14  ? 187 ASN A N   1 
ATOM   144 C  CA  . ASN A 1 25 ? -11.035 9.211   -3.259  1.00 8.00  ? 187 ASN A CA  1 
ATOM   145 C  C   . ASN A 1 25 ? -10.224 9.197   -1.964  1.00 6.44  ? 187 ASN A C   1 
ATOM   146 O  O   . ASN A 1 25 ? -9.355  10.036  -1.713  1.00 7.18  ? 187 ASN A O   1 
ATOM   147 C  CB  . ASN A 1 25 ? -10.297 9.924   -4.378  1.00 10.02 ? 187 ASN A CB  1 
ATOM   148 C  CG  . ASN A 1 25 ? -9.296  9.030   -5.070  1.00 9.47  ? 187 ASN A CG  1 
ATOM   149 O  OD1 . ASN A 1 25 ? -9.333  7.798   -4.911  1.00 9.22  ? 187 ASN A OD1 1 
ATOM   150 N  ND2 . ASN A 1 25 ? -8.402  9.628   -5.842  1.00 9.23  ? 187 ASN A ND2 1 
ATOM   151 N  N   . ARG A 1 26 ? -10.532 8.233   -1.132  1.00 6.62  ? 188 ARG A N   1 
ATOM   152 C  CA  . ARG A 1 26 ? -9.970  8.215   0.205   1.00 6.70  ? 188 ARG A CA  1 
ATOM   153 C  C   . ARG A 1 26 ? -8.507  7.859   0.318   1.00 6.00  ? 188 ARG A C   1 
ATOM   154 O  O   . ARG A 1 26 ? -7.925  7.197   -0.540  1.00 6.97  ? 188 ARG A O   1 
ATOM   155 C  CB  . ARG A 1 26 ? -10.804 7.299   1.089   1.00 8.55  ? 188 ARG A CB  1 
ATOM   156 C  CG  . ARG A 1 26 ? -12.194 7.857   1.304   1.00 11.77 ? 188 ARG A CG  1 
ATOM   157 C  CD  . ARG A 1 26 ? -13.031 6.941   2.063   1.00 20.30 ? 188 ARG A CD  1 
ATOM   158 N  NE  . ARG A 1 26 ? -14.365 7.501   2.259   1.00 20.56 ? 188 ARG A NE  1 
ATOM   159 C  CZ  . ARG A 1 26 ? -14.955 7.538   3.439   1.00 11.56 ? 188 ARG A CZ  1 
ATOM   160 N  NH1 . ARG A 1 26 ? -14.317 7.062   4.495   1.00 11.90 ? 188 ARG A NH1 1 
ATOM   161 N  NH2 . ARG A 1 26 ? -16.189 8.020   3.551   1.00 12.54 ? 188 ARG A NH2 1 
ATOM   162 N  N   . LYS A 1 27 ? -7.920  8.332   1.406   1.00 7.40  ? 189 LYS A N   1 
ATOM   163 C  CA  . LYS A 1 27 ? -6.524  8.091   1.734   1.00 6.72  ? 189 LYS A CA  1 
ATOM   164 C  C   . LYS A 1 27 ? -6.306  6.672   2.277   1.00 6.05  ? 189 LYS A C   1 
ATOM   165 O  O   . LYS A 1 27 ? -7.122  6.163   3.049   1.00 8.03  ? 189 LYS A O   1 
ATOM   166 C  CB  . LYS A 1 27 ? -6.116  9.089   2.814   1.00 6.93  ? 189 LYS A CB  1 
ATOM   167 C  CG  . LYS A 1 27 ? -4.692  8.930   3.342   1.00 8.19  ? 189 LYS A CG  1 
ATOM   168 C  CD  . LYS A 1 27 ? -4.383  9.983   4.420   1.00 10.43 ? 189 LYS A CD  1 
ATOM   169 C  CE  . LYS A 1 27 ? -4.363  11.397  3.868   1.00 9.20  ? 189 LYS A CE  1 
ATOM   170 N  NZ  . LYS A 1 27 ? -4.017  12.385  4.946   1.00 10.16 ? 189 LYS A NZ  1 
ATOM   171 N  N   . HIS A 1 28 ? -5.197  6.053   1.870   1.00 6.00  ? 190 HIS A N   1 
ATOM   172 C  CA  . HIS A 1 28 ? -4.850  4.751   2.423   1.00 5.54  ? 190 HIS A CA  1 
ATOM   173 C  C   . HIS A 1 28 ? -3.345  4.645   2.578   1.00 5.57  ? 190 HIS A C   1 
ATOM   174 O  O   . HIS A 1 28 ? -2.587  5.140   1.744   1.00 9.33  ? 190 HIS A O   1 
ATOM   175 C  CB  . HIS A 1 28 ? -5.286  3.610   1.517   1.00 7.15  ? 190 HIS A CB  1 
ATOM   176 C  CG  . HIS A 1 28 ? -6.742  3.595   1.219   1.00 7.28  ? 190 HIS A CG  1 
ATOM   177 N  ND1 . HIS A 1 28 ? -7.677  3.177   2.137   1.00 9.42  ? 190 HIS A ND1 1 
ATOM   178 C  CD2 . HIS A 1 28 ? -7.417  3.990   0.120   1.00 7.67  ? 190 HIS A CD2 1 
ATOM   179 C  CE1 . HIS A 1 28 ? -8.881  3.322   1.608   1.00 7.62  ? 190 HIS A CE1 1 
ATOM   180 N  NE2 . HIS A 1 28 ? -8.755  3.810   0.386   1.00 8.78  ? 190 HIS A NE2 1 
ATOM   181 N  N   . HIS A 1 29 ? -2.902  3.988   3.630   1.00 4.89  ? 191 HIS A N   1 
ATOM   182 C  CA  . HIS A 1 29 ? -1.485  3.726   3.797   1.00 6.19  ? 191 HIS A CA  1 
ATOM   183 C  C   . HIS A 1 29 ? -1.103  2.324   3.315   1.00 5.59  ? 191 HIS A C   1 
ATOM   184 O  O   . HIS A 1 29 ? -1.869  1.356   3.473   1.00 5.56  ? 191 HIS A O   1 
ATOM   185 C  CB  . HIS A 1 29 ? -1.106  3.808   5.289   1.00 5.97  ? 191 HIS A CB  1 
ATOM   186 C  CG  . HIS A 1 29 ? -0.945  5.202   5.794   1.00 5.68  ? 191 HIS A CG  1 
ATOM   187 N  ND1 . HIS A 1 29 ? -2.004  5.980   6.232   1.00 7.63  ? 191 HIS A ND1 1 
ATOM   188 C  CD2 . HIS A 1 29 ? 0.163   5.976   5.890   1.00 7.42  ? 191 HIS A CD2 1 
ATOM   189 C  CE1 . HIS A 1 29 ? -1.544  7.174   6.569   1.00 8.67  ? 191 HIS A CE1 1 
ATOM   190 N  NE2 . HIS A 1 29 ? -0.238  7.197   6.370   1.00 7.81  ? 191 HIS A NE2 1 
ATOM   191 N  N   . CYS A 1 30 ? 0.107   2.217   2.767   1.00 4.92  ? 192 CYS A N   1 
ATOM   192 C  CA  . CYS A 1 30 ? 0.705   0.919   2.452   1.00 4.78  ? 192 CYS A CA  1 
ATOM   193 C  C   . CYS A 1 30 ? 1.305   0.409   3.781   1.00 4.40  ? 192 CYS A C   1 
ATOM   194 O  O   . CYS A 1 30 ? 2.126   1.088   4.409   1.00 5.76  ? 192 CYS A O   1 
ATOM   195 C  CB  . CYS A 1 30 ? 1.820   1.074   1.436   1.00 4.98  ? 192 CYS A CB  1 
ATOM   196 S  SG  . CYS A 1 30 ? 2.694   -0.503  1.196   1.00 4.80  ? 192 CYS A SG  1 
ATOM   197 N  N   . ARG A 1 31 ? 0.893   -0.767  4.218   1.00 4.69  ? 193 ARG A N   1 
ATOM   198 C  CA  . ARG A 1 31 ? 1.401   -1.330  5.476   1.00 5.24  ? 193 ARG A CA  1 
ATOM   199 C  C   . ARG A 1 31 ? 2.850   -1.796  5.367   1.00 5.44  ? 193 ARG A C   1 
ATOM   200 O  O   . ARG A 1 31 ? 3.511   -2.013  6.397   1.00 6.02  ? 193 ARG A O   1 
ATOM   201 C  CB  . ARG A 1 31 ? 0.520   -2.483  5.934   1.00 5.16  ? 193 ARG A CB  1 
ATOM   202 C  CG  . ARG A 1 31 ? -0.712  -2.037  6.742   1.00 7.17  ? 193 ARG A CG  1 
ATOM   203 C  CD  . ARG A 1 31 ? -1.683  -1.133  5.970   1.00 6.74  ? 193 ARG A CD  1 
ATOM   204 N  NE  . ARG A 1 31 ? -2.846  -0.898  6.830   1.00 7.72  ? 193 ARG A NE  1 
ATOM   205 C  CZ  . ARG A 1 31 ? -3.847  -0.071  6.566   1.00 8.79  ? 193 ARG A CZ  1 
ATOM   206 N  NH1 . ARG A 1 31 ? -3.853  0.633   5.453   1.00 7.49  ? 193 ARG A NH1 1 
ATOM   207 N  NH2 . ARG A 1 31 ? -4.876  0.042   7.406   1.00 9.31  ? 193 ARG A NH2 1 
ATOM   208 N  N   . SER A 1 32 ? 3.364   -1.950  4.162   1.00 4.70  ? 194 SER A N   1 
ATOM   209 C  CA  . SER A 1 32 ? 4.756   -2.339  3.974   1.00 6.19  ? 194 SER A CA  1 
ATOM   210 C  C   . SER A 1 32 ? 5.721   -1.133  3.969   1.00 6.12  ? 194 SER A C   1 
ATOM   211 O  O   . SER A 1 32 ? 6.685   -1.128  4.755   1.00 9.35  ? 194 SER A O   1 
ATOM   212 C  CB  . SER A 1 32 ? 4.899   -3.104  2.659   1.00 6.78  ? 194 SER A CB  1 
ATOM   213 O  OG  . SER A 1 32 ? 6.245   -3.380  2.307   1.00 10.28 ? 194 SER A OG  1 
ATOM   214 N  N   . CYS A 1 33 ? 5.465   -0.126  3.138   1.00 4.94  ? 195 CYS A N   1 
ATOM   215 C  CA  . CYS A 1 33 ? 6.403   0.989   3.045   1.00 6.16  ? 195 CYS A CA  1 
ATOM   216 C  C   . CYS A 1 33 ? 5.970   2.237   3.798   1.00 5.23  ? 195 CYS A C   1 
ATOM   217 O  O   . CYS A 1 33 ? 6.785   3.170   3.965   1.00 6.66  ? 195 CYS A O   1 
ATOM   218 C  CB  . CYS A 1 33 ? 6.702   1.314   1.563   1.00 6.83  ? 195 CYS A CB  1 
ATOM   219 S  SG  . CYS A 1 33 ? 5.308   2.099   0.698   1.00 6.21  ? 195 CYS A SG  1 
ATOM   220 N  N   . GLY A 1 34 ? 4.730   2.307   4.263   1.00 5.90  ? 196 GLY A N   1 
ATOM   221 C  CA  . GLY A 1 34 ? 4.275   3.464   5.035   1.00 5.92  ? 196 GLY A CA  1 
ATOM   222 C  C   . GLY A 1 34 ? 3.796   4.658   4.227   1.00 5.44  ? 196 GLY A C   1 
ATOM   223 O  O   . GLY A 1 34 ? 3.362   5.636   4.835   1.00 5.76  ? 196 GLY A O   1 
ATOM   224 N  N   . GLY A 1 35 ? 3.908   4.591   2.901   1.00 5.70  ? 197 GLY A N   1 
ATOM   225 C  CA  . GLY A 1 35 ? 3.440   5.675   2.053   1.00 5.61  ? 197 GLY A CA  1 
ATOM   226 C  C   . GLY A 1 35 ? 1.918   5.770   2.003   1.00 4.52  ? 197 GLY A C   1 
ATOM   227 O  O   . GLY A 1 35 ? 1.206   4.906   2.522   1.00 5.68  ? 197 GLY A O   1 
ATOM   228 N  N   . VAL A 1 36 ? 1.420   6.832   1.374   1.00 5.96  ? 198 VAL A N   1 
ATOM   229 C  CA  . VAL A 1 36 ? -0.036  7.022   1.182   1.00 6.50  ? 198 VAL A CA  1 
ATOM   230 C  C   . VAL A 1 36 ? -0.394  6.938   -0.291  1.00 5.98  ? 198 VAL A C   1 
ATOM   231 O  O   . VAL A 1 36 ? 0.324   7.466   -1.151  1.00 5.85  ? 198 VAL A O   1 
ATOM   232 C  CB  . VAL A 1 36 ? -0.589  8.347   1.768   1.00 7.47  ? 198 VAL A CB  1 
ATOM   233 C  CG1 . VAL A 1 36 ? -0.545  8.287   3.298   1.00 8.92  ? 198 VAL A CG1 1 
ATOM   234 C  CG2 . VAL A 1 36 ? 0.179   9.544   1.225   1.00 9.54  ? 198 VAL A CG2 1 
ATOM   235 N  N   . PHE A 1 37 ? -1.505  6.244   -0.539  1.00 6.09  ? 199 PHE A N   1 
ATOM   236 C  CA  . PHE A 1 37 ? -1.932  5.903   -1.886  1.00 5.07  ? 199 PHE A CA  1 
ATOM   237 C  C   . PHE A 1 37 ? -3.439  5.924   -1.996  1.00 6.37  ? 199 PHE A C   1 
ATOM   238 O  O   . PHE A 1 37 ? -4.147  5.759   -1.013  1.00 6.55  ? 199 PHE A O   1 
ATOM   239 C  CB  . PHE A 1 37 ? -1.453  4.470   -2.250  1.00 5.84  ? 199 PHE A CB  1 
ATOM   240 C  CG  . PHE A 1 37 ? 0.030   4.304   -2.109  1.00 5.33  ? 199 PHE A CG  1 
ATOM   241 C  CD1 . PHE A 1 37 ? 0.595   3.942   -0.905  1.00 6.65  ? 199 PHE A CD1 1 
ATOM   242 C  CD2 . PHE A 1 37 ? 0.855   4.598   -3.161  1.00 7.26  ? 199 PHE A CD2 1 
ATOM   243 C  CE1 . PHE A 1 37 ? 1.986   3.879   -0.764  1.00 5.10  ? 199 PHE A CE1 1 
ATOM   244 C  CE2 . PHE A 1 37 ? 2.232   4.543   -3.039  1.00 6.90  ? 199 PHE A CE2 1 
ATOM   245 C  CZ  . PHE A 1 37 ? 2.803   4.185   -1.857  1.00 5.44  ? 199 PHE A CZ  1 
ATOM   246 N  N   . CYS A 1 38 ? -3.929  6.155   -3.212  1.00 6.92  ? 200 CYS A N   1 
ATOM   247 C  CA  . CYS A 1 38 ? -5.360  6.045   -3.458  1.00 7.08  ? 200 CYS A CA  1 
ATOM   248 C  C   . CYS A 1 38 ? -5.681  4.527   -3.618  1.00 5.98  ? 200 CYS A C   1 
ATOM   249 O  O   . CYS A 1 38 ? -4.776  3.671   -3.721  1.00 7.16  ? 200 CYS A O   1 
ATOM   250 C  CB  . CYS A 1 38 ? -5.753  6.796   -4.734  1.00 8.39  ? 200 CYS A CB  1 
ATOM   251 S  SG  . CYS A 1 38 ? -5.105  6.034   -6.273  1.00 8.01  ? 200 CYS A SG  1 
ATOM   252 N  N   . GLN A 1 39 ? -6.961  4.185   -3.658  1.00 6.29  ? 201 GLN A N   1 
ATOM   253 C  CA  . GLN A 1 39 ? -7.402  2.810   -3.826  1.00 6.48  ? 201 GLN A CA  1 
ATOM   254 C  C   . GLN A 1 39 ? -6.859  2.195   -5.114  1.00 7.08  ? 201 GLN A C   1 
ATOM   255 O  O   . GLN A 1 39 ? -6.425  1.041   -5.132  1.00 7.26  ? 201 GLN A O   1 
ATOM   256 C  CB  . GLN A 1 39 ? -8.933  2.770   -3.856  1.00 7.79  ? 201 GLN A CB  1 
ATOM   257 C  CG  . GLN A 1 39 ? -9.526  1.483   -4.361  1.00 9.51  ? 201 GLN A CG  1 
ATOM   258 C  CD  . GLN A 1 39 ? -9.237  0.329   -3.442  1.00 15.44 ? 201 GLN A CD  1 
ATOM   259 O  OE1 . GLN A 1 39 ? -9.093  0.500   -2.233  1.00 16.08 ? 201 GLN A OE1 1 
ATOM   260 N  NE2 . GLN A 1 39 ? -9.173  -0.875  -4.018  1.00 20.70 ? 201 GLN A NE2 1 
ATOM   261 N  N   . GLU A 1 40 ? -6.876  2.966   -6.204  1.00 7.64  ? 202 GLU A N   1 
ATOM   262 C  CA  . GLU A 1 40 ? -6.428  2.420   -7.467  1.00 8.07  ? 202 GLU A CA  1 
ATOM   263 C  C   . GLU A 1 40 ? -4.975  1.952   -7.399  1.00 9.70  ? 202 GLU A C   1 
ATOM   264 O  O   . GLU A 1 40 ? -4.575  1.030   -8.114  1.00 9.52  ? 202 GLU A O   1 
ATOM   265 C  CB  . GLU A 1 40 ? -6.570  3.474   -8.574  1.00 10.33 ? 202 GLU A CB  1 
ATOM   266 C  CG  . GLU A 1 40 ? -5.945  3.010   -9.873  1.00 15.22 ? 202 GLU A CG  1 
ATOM   267 C  CD  . GLU A 1 40 ? -6.080  4.007   -11.001 1.00 33.14 ? 202 GLU A CD  1 
ATOM   268 O  OE1 . GLU A 1 40 ? -6.372  5.197   -10.737 1.00 31.48 ? 202 GLU A OE1 1 
ATOM   269 O  OE2 . GLU A 1 40 ? -5.876  3.596   -12.161 1.00 32.73 ? 202 GLU A OE2 1 
ATOM   270 N  N   . HIS A 1 41 ? -4.188  2.596   -6.556  1.00 7.27  ? 203 HIS A N   1 
ATOM   271 C  CA  . HIS A 1 41 ? -2.781  2.250   -6.434  1.00 8.16  ? 203 HIS A CA  1 
ATOM   272 C  C   . HIS A 1 41 ? -2.420  1.474   -5.187  1.00 6.38  ? 203 HIS A C   1 
ATOM   273 O  O   . HIS A 1 41 ? -1.239  1.375   -4.839  1.00 9.47  ? 203 HIS A O   1 
ATOM   274 C  CB  . HIS A 1 41 ? -1.960  3.529   -6.598  1.00 8.73  ? 203 HIS A CB  1 
ATOM   275 C  CG  . HIS A 1 41 ? -2.061  4.071   -7.987  1.00 9.72  ? 203 HIS A CG  1 
ATOM   276 N  ND1 . HIS A 1 41 ? -2.554  5.322   -8.284  1.00 9.67  ? 203 HIS A ND1 1 
ATOM   277 C  CD2 . HIS A 1 41 ? -1.858  3.456   -9.174  1.00 11.61 ? 203 HIS A CD2 1 
ATOM   278 C  CE1 . HIS A 1 41 ? -2.664  5.452   -9.594  1.00 11.04 ? 203 HIS A CE1 1 
ATOM   279 N  NE2 . HIS A 1 41 ? -2.250  4.334   -10.158 1.00 12.67 ? 203 HIS A NE2 1 
ATOM   280 N  N   . SER A 1 42 ? -3.425  0.916   -4.524  1.00 6.12  ? 204 SER A N   1 
ATOM   281 C  CA  . SER A 1 42 ? -3.182  0.075   -3.338  1.00 6.19  ? 204 SER A CA  1 
ATOM   282 C  C   . SER A 1 42 ? -4.324  -0.926  -3.224  1.00 5.78  ? 204 SER A C   1 
ATOM   283 O  O   . SER A 1 42 ? -4.814  -1.196  -2.135  1.00 7.37  ? 204 SER A O   1 
ATOM   284 C  CB  . SER A 1 42 ? -3.053  0.932   -2.065  1.00 7.84  ? 204 SER A CB  1 
ATOM   285 O  OG  . SER A 1 42 ? -4.227  1.680   -1.765  1.00 7.26  ? 204 SER A OG  1 
ATOM   286 N  N   . SER A 1 43 ? -4.705  -1.530  -4.355  1.00 7.49  ? 205 SER A N   1 
ATOM   287 C  CA  . SER A 1 43 ? -5.844  -2.451  -4.367  1.00 7.15  ? 205 SER A CA  1 
ATOM   288 C  C   . SER A 1 43 ? -5.563  -3.874  -3.926  1.00 7.74  ? 205 SER A C   1 
ATOM   289 O  O   . SER A 1 43 ? -6.499  -4.647  -3.714  1.00 8.58  ? 205 SER A O   1 
ATOM   290 C  CB  . SER A 1 43 ? -6.503  -2.467  -5.745  1.00 10.72 ? 205 SER A CB  1 
ATOM   291 O  OG  . SER A 1 43 ? -5.687  -3.142  -6.670  1.00 11.89 ? 205 SER A OG  1 
ATOM   292 N  N   . ASN A 1 44 ? -4.283  -4.222  -3.756  1.00 6.46  ? 206 ASN A N   1 
ATOM   293 C  CA  . ASN A 1 44 ? -3.898  -5.557  -3.334  1.00 5.65  ? 206 ASN A CA  1 
ATOM   294 C  C   . ASN A 1 44 ? -3.531  -5.562  -1.849  1.00 6.69  ? 206 ASN A C   1 
ATOM   295 O  O   . ASN A 1 44 ? -3.178  -4.509  -1.269  1.00 6.77  ? 206 ASN A O   1 
ATOM   296 C  CB  . ASN A 1 44 ? -2.700  -6.001  -4.156  1.00 7.05  ? 206 ASN A CB  1 
ATOM   297 C  CG  . ASN A 1 44 ? -2.990  -5.993  -5.632  1.00 7.24  ? 206 ASN A CG  1 
ATOM   298 O  OD1 . ASN A 1 44 ? -3.750  -6.833  -6.115  1.00 9.78  ? 206 ASN A OD1 1 
ATOM   299 N  ND2 . ASN A 1 44 ? -2.407  -5.040  -6.362  1.00 10.03 ? 206 ASN A ND2 1 
ATOM   300 N  N   . SER A 1 45 ? -3.602  -6.747  -1.236  1.00 6.08  ? 207 SER A N   1 
ATOM   301 C  CA  . SER A 1 45 ? -3.245  -6.923  0.164   1.00 4.83  ? 207 SER A CA  1 
ATOM   302 C  C   . SER A 1 45 ? -2.441  -8.187  0.300   1.00 5.78  ? 207 SER A C   1 
ATOM   303 O  O   . SER A 1 45 ? -2.739  -9.191  -0.371  1.00 7.25  ? 207 SER A O   1 
ATOM   304 C  CB  . SER A 1 45 ? -4.496  -7.035  0.993   1.00 6.53  ? 207 SER A CB  1 
ATOM   305 O  OG  . SER A 1 45 ? -5.292  -5.864  0.846   1.00 8.56  ? 207 SER A OG  1 
ATOM   306 N  N   . ILE A 1 46 ? -1.469  -8.158  1.212   1.00 5.60  ? 208 ILE A N   1 
ATOM   307 C  CA  . ILE A 1 46 ? -0.585  -9.290  1.418   1.00 4.63  ? 208 ILE A CA  1 
ATOM   308 C  C   . ILE A 1 46 ? -0.262  -9.423  2.878   1.00 5.01  ? 208 ILE A C   1 
ATOM   309 O  O   . ILE A 1 46 ? -0.382  -8.452  3.648   1.00 5.60  ? 208 ILE A O   1 
ATOM   310 C  CB  . ILE A 1 46 ? 0.787   -9.087  0.684   1.00 5.10  ? 208 ILE A CB  1 
ATOM   311 C  CG1 . ILE A 1 46 ? 1.529   -7.856  1.247   1.00 6.03  ? 208 ILE A CG1 1 
ATOM   312 C  CG2 . ILE A 1 46 ? 0.576   -8.967  -0.832  1.00 7.43  ? 208 ILE A CG2 1 
ATOM   313 C  CD1 . ILE A 1 46 ? 2.924   -7.596  0.578   1.00 6.71  ? 208 ILE A CD1 1 
ATOM   314 N  N   . PRO A 1 47 ? 0.122   -10.621 3.322   1.00 5.64  ? 209 PRO A N   1 
ATOM   315 C  CA  . PRO A 1 47 ? 0.509   -10.766 4.735   1.00 5.65  ? 209 PRO A CA  1 
ATOM   316 C  C   . PRO A 1 47 ? 1.901   -10.131 4.808   1.00 5.32  ? 209 PRO A C   1 
ATOM   317 O  O   . PRO A 1 47 ? 2.590   -9.987  3.789   1.00 5.95  ? 209 PRO A O   1 
ATOM   318 C  CB  . PRO A 1 47 ? 0.582   -12.280 4.928   1.00 6.79  ? 209 PRO A CB  1 
ATOM   319 C  CG  . PRO A 1 47 ? 0.981   -12.787 3.563   1.00 8.95  ? 209 PRO A CG  1 
ATOM   320 C  CD  . PRO A 1 47 ? 0.213   -11.901 2.593   1.00 5.75  ? 209 PRO A CD  1 
ATOM   321 N  N   . LEU A 1 48 ? 2.338   -9.753  6.009   1.00 5.58  ? 210 LEU A N   1 
ATOM   322 C  CA  . LEU A 1 48 ? 3.682   -9.196  6.223   1.00 6.47  ? 210 LEU A CA  1 
ATOM   323 C  C   . LEU A 1 48 ? 4.266   -9.971  7.416   1.00 7.39  ? 210 LEU A C   1 
ATOM   324 O  O   . LEU A 1 48 ? 4.330   -9.464  8.533   1.00 6.81  ? 210 LEU A O   1 
ATOM   325 C  CB  . LEU A 1 48 ? 3.623   -7.690  6.510   1.00 6.55  ? 210 LEU A CB  1 
ATOM   326 C  CG  . LEU A 1 48 ? 3.053   -6.859  5.354   1.00 6.51  ? 210 LEU A CG  1 
ATOM   327 C  CD1 . LEU A 1 48 ? 2.858   -5.421  5.839   1.00 9.27  ? 210 LEU A CD1 1 
ATOM   328 C  CD2 . LEU A 1 48 ? 3.975   -6.919  4.165   1.00 9.96  ? 210 LEU A CD2 1 
ATOM   329 N  N   . PRO A 1 49 ? 4.702   -11.211 7.158   1.00 8.28  ? 211 PRO A N   1 
ATOM   330 C  CA  . PRO A 1 49 ? 5.266   -12.035 8.236   1.00 10.26 ? 211 PRO A CA  1 
ATOM   331 C  C   . PRO A 1 49 ? 6.394   -11.409 9.023   1.00 12.37 ? 211 PRO A C   1 
ATOM   332 O  O   . PRO A 1 49 ? 6.532   -11.691 10.229  1.00 13.53 ? 211 PRO A O   1 
ATOM   333 C  CB  . PRO A 1 49 ? 5.696   -13.312 7.516   1.00 13.15 ? 211 PRO A CB  1 
ATOM   334 C  CG  . PRO A 1 49 ? 4.704   -13.398 6.382   1.00 12.85 ? 211 PRO A CG  1 
ATOM   335 C  CD  . PRO A 1 49 ? 4.607   -11.973 5.903   1.00 8.74  ? 211 PRO A CD  1 
ATOM   336 N  N   . ASP A 1 50 ? 7.199   -10.564 8.380   1.00 12.83 ? 212 ASP A N   1 
ATOM   337 C  CA  . ASP A 1 50 ? 8.321   -9.934  9.073   1.00 14.71 ? 212 ASP A CA  1 
ATOM   338 C  C   . ASP A 1 50 ? 7.858   -8.936  10.110  1.00 17.08 ? 212 ASP A C   1 
ATOM   339 O  O   . ASP A 1 50 ? 8.654   -8.505  10.942  1.00 21.09 ? 212 ASP A O   1 
ATOM   340 C  CB  . ASP A 1 50 ? 9.283   -9.256  8.088   1.00 22.01 ? 212 ASP A CB  1 
ATOM   341 C  CG  . ASP A 1 50 ? 9.899   -10.239 7.119   1.00 35.74 ? 212 ASP A CG  1 
ATOM   342 O  OD1 . ASP A 1 50 ? 10.126  -11.405 7.518   1.00 36.78 ? 212 ASP A OD1 1 
ATOM   343 O  OD2 . ASP A 1 50 ? 10.164  -9.845  5.959   1.00 39.62 ? 212 ASP A OD2 1 
ATOM   344 N  N   . LEU A 1 51 ? 6.587   -8.566  10.053  1.00 13.40 ? 213 LEU A N   1 
ATOM   345 C  CA  . LEU A 1 51 ? 5.990   -7.667  11.027  1.00 12.92 ? 213 LEU A CA  1 
ATOM   346 C  C   . LEU A 1 51 ? 5.030   -8.465  11.929  1.00 8.87  ? 213 LEU A C   1 
ATOM   347 O  O   . LEU A 1 51 ? 4.290   -7.886  12.731  1.00 15.13 ? 213 LEU A O   1 
ATOM   348 C  CB  . LEU A 1 51 ? 5.196   -6.556  10.328  1.00 15.56 ? 213 LEU A CB  1 
ATOM   349 C  CG  . LEU A 1 51 ? 5.950   -5.529  9.475   1.00 20.43 ? 213 LEU A CG  1 
ATOM   350 C  CD1 . LEU A 1 51 ? 4.961   -4.522  8.876   1.00 18.11 ? 213 LEU A CD1 1 
ATOM   351 C  CD2 . LEU A 1 51 ? 6.960   -4.801  10.351  1.00 21.32 ? 213 LEU A CD2 1 
ATOM   352 N  N   . GLY A 1 52 ? 5.016   -9.788  11.766  1.00 9.80  ? 214 GLY A N   1 
ATOM   353 C  CA  . GLY A 1 52 ? 4.132   -10.628 12.557  1.00 10.63 ? 214 GLY A CA  1 
ATOM   354 C  C   . GLY A 1 52 ? 2.682   -10.543 12.102  1.00 9.82  ? 214 GLY A C   1 
ATOM   355 O  O   . GLY A 1 52 ? 1.792   -10.842 12.880  1.00 11.16 ? 214 GLY A O   1 
ATOM   356 N  N   . ILE A 1 53 ? 2.448   -10.164 10.833  1.00 7.74  ? 215 ILE A N   1 
ATOM   357 C  CA  . ILE A 1 53 ? 1.095   -10.003 10.285  1.00 8.48  ? 215 ILE A CA  1 
ATOM   358 C  C   . ILE A 1 53 ? 0.838   -11.140 9.297   1.00 7.71  ? 215 ILE A C   1 
ATOM   359 O  O   . ILE A 1 53 ? 1.508   -11.244 8.255   1.00 8.49  ? 215 ILE A O   1 
ATOM   360 C  CB  . ILE A 1 53 ? 0.958   -8.627  9.570   1.00 9.04  ? 215 ILE A CB  1 
ATOM   361 C  CG1 . ILE A 1 53 ? 1.078   -7.500  10.611  1.00 11.28 ? 215 ILE A CG1 1 
ATOM   362 C  CG2 . ILE A 1 53 ? -0.375  -8.562  8.831   1.00 10.94 ? 215 ILE A CG2 1 
ATOM   363 C  CD1 . ILE A 1 53 ? 1.166   -6.094  10.001  1.00 13.32 ? 215 ILE A CD1 1 
ATOM   364 N  N   . TYR A 1 54 ? -0.154  -11.974 9.635   1.00 7.66  ? 216 TYR A N   1 
ATOM   365 C  CA  . TYR A 1 54 ? -0.470  -13.168 8.853   1.00 8.29  ? 216 TYR A CA  1 
ATOM   366 C  C   . TYR A 1 54 ? -1.843  -13.198 8.189   1.00 11.13 ? 216 TYR A C   1 
ATOM   367 O  O   . TYR A 1 54 ? -2.380  -14.270 7.871   1.00 22.13 ? 216 TYR A O   1 
ATOM   368 C  CB  . TYR A 1 54 ? -0.254  -14.421 9.715   1.00 10.09 ? 216 TYR A CB  1 
ATOM   369 C  CG  . TYR A 1 54 ? 1.193   -14.590 10.096  1.00 8.98  ? 216 TYR A CG  1 
ATOM   370 C  CD1 . TYR A 1 54 ? 2.092   -15.199 9.209   1.00 8.70  ? 216 TYR A CD1 1 
ATOM   371 C  CD2 . TYR A 1 54 ? 1.682   -14.074 11.303  1.00 8.71  ? 216 TYR A CD2 1 
ATOM   372 C  CE1 . TYR A 1 54 ? 3.434   -15.292 9.515   1.00 10.18 ? 216 TYR A CE1 1 
ATOM   373 C  CE2 . TYR A 1 54 ? 3.033   -14.154 11.615  1.00 9.84  ? 216 TYR A CE2 1 
ATOM   374 C  CZ  . TYR A 1 54 ? 3.896   -14.768 10.720  1.00 9.08  ? 216 TYR A CZ  1 
ATOM   375 O  OH  . TYR A 1 54 ? 5.234   -14.944 10.999  1.00 10.69 ? 216 TYR A OH  1 
ATOM   376 N  N   . GLU A 1 55 ? -2.439  -12.033 8.045   1.00 7.59  ? 217 GLU A N   1 
ATOM   377 C  CA  . GLU A 1 55 ? -3.676  -11.872 7.301   1.00 8.51  ? 217 GLU A CA  1 
ATOM   378 C  C   . GLU A 1 55 ? -3.303  -10.805 6.260   1.00 8.64  ? 217 GLU A C   1 
ATOM   379 O  O   . GLU A 1 55 ? -2.388  -9.999  6.478   1.00 8.66  ? 217 GLU A O   1 
ATOM   380 C  CB  . GLU A 1 55 ? -4.775  -11.339 8.210   1.00 11.07 ? 217 GLU A CB  1 
ATOM   381 C  CG  . GLU A 1 55 ? -4.366  -10.021 8.823   1.00 21.61 ? 217 GLU A CG  1 
ATOM   382 C  CD  . GLU A 1 55 ? -5.470  -9.339  9.594   1.00 41.95 ? 217 GLU A CD  1 
ATOM   383 O  OE1 . GLU A 1 55 ? -6.555  -9.947  9.739   1.00 49.12 ? 217 GLU A OE1 1 
ATOM   384 O  OE2 . GLU A 1 55 ? -5.245  -8.193  10.053  1.00 47.03 ? 217 GLU A OE2 1 
ATOM   385 N  N   . PRO A 1 56 ? -4.019  -10.759 5.141   1.00 7.31  ? 218 PRO A N   1 
ATOM   386 C  CA  . PRO A 1 56 ? -3.678  -9.752  4.128   1.00 7.64  ? 218 PRO A CA  1 
ATOM   387 C  C   . PRO A 1 56 ? -3.953  -8.322  4.596   1.00 6.93  ? 218 PRO A C   1 
ATOM   388 O  O   . PRO A 1 56 ? -5.039  -8.030  5.121   1.00 9.23  ? 218 PRO A O   1 
ATOM   389 C  CB  . PRO A 1 56 ? -4.574  -10.119 2.929   1.00 8.76  ? 218 PRO A CB  1 
ATOM   390 C  CG  . PRO A 1 56 ? -4.932  -11.576 3.188   1.00 10.57 ? 218 PRO A CG  1 
ATOM   391 C  CD  . PRO A 1 56 ? -5.121  -11.611 4.687   1.00 8.48  ? 218 PRO A CD  1 
ATOM   392 N  N   . VAL A 1 57 ? -2.982  -7.442  4.397   1.00 5.76  ? 219 VAL A N   1 
ATOM   393 C  CA  . VAL A 1 57 ? -3.149  -6.023  4.710   1.00 6.35  ? 219 VAL A CA  1 
ATOM   394 C  C   . VAL A 1 57 ? -2.745  -5.233  3.459   1.00 5.08  ? 219 VAL A C   1 
ATOM   395 O  O   . VAL A 1 57 ? -1.933  -5.669  2.608   1.00 4.76  ? 219 VAL A O   1 
ATOM   396 C  CB  . VAL A 1 57 ? -2.318  -5.551  5.947   1.00 7.78  ? 219 VAL A CB  1 
ATOM   397 C  CG1 . VAL A 1 57 ? -2.834  -6.257  7.189   1.00 9.22  ? 219 VAL A CG1 1 
ATOM   398 C  CG2 . VAL A 1 57 ? -0.832  -5.835  5.758   1.00 7.73  ? 219 VAL A CG2 1 
ATOM   399 N  N   . ARG A 1 58 ? -3.331  -4.054  3.331   1.00 5.66  ? 220 ARG A N   1 
ATOM   400 C  CA  . ARG A 1 58 ? -3.136  -3.240  2.164   1.00 5.89  ? 220 ARG A CA  1 
ATOM   401 C  C   . ARG A 1 58 ? -1.722  -2.838  1.883   1.00 5.23  ? 220 ARG A C   1 
ATOM   402 O  O   . ARG A 1 58 ? -1.020  -2.392  2.777   1.00 5.90  ? 220 ARG A O   1 
ATOM   403 C  CB  . ARG A 1 58 ? -3.989  -1.993  2.308   1.00 6.40  ? 220 ARG A CB  1 
ATOM   404 C  CG  . ARG A 1 58 ? -3.826  -0.996  1.179   1.00 7.27  ? 220 ARG A CG  1 
ATOM   405 C  CD  . ARG A 1 58 ? -4.631  0.263   1.432   1.00 9.10  ? 220 ARG A CD  1 
ATOM   406 N  NE  . ARG A 1 58 ? -6.052  0.027   1.666   1.00 9.44  ? 220 ARG A NE  1 
ATOM   407 C  CZ  . ARG A 1 58 ? -6.983  0.101   0.721   1.00 9.79  ? 220 ARG A CZ  1 
ATOM   408 N  NH1 . ARG A 1 58 ? -6.679  0.406   -0.531  1.00 11.94 ? 220 ARG A NH1 1 
ATOM   409 N  NH2 . ARG A 1 58 ? -8.249  -0.116  1.052   1.00 12.02 ? 220 ARG A NH2 1 
ATOM   410 N  N   . VAL A 1 59 ? -1.322  -2.973  0.621   1.00 4.83  ? 221 VAL A N   1 
ATOM   411 C  CA  . VAL A 1 59 ? -0.017  -2.510  0.169   1.00 6.67  ? 221 VAL A CA  1 
ATOM   412 C  C   . VAL A 1 59 ? -0.117  -1.801  -1.176  1.00 4.57  ? 221 VAL A C   1 
ATOM   413 O  O   . VAL A 1 59 ? -1.069  -2.014  -1.946  1.00 6.33  ? 221 VAL A O   1 
ATOM   414 C  CB  . VAL A 1 59 ? 1.031   -3.671  0.053   1.00 3.98  ? 221 VAL A CB  1 
ATOM   415 C  CG1 . VAL A 1 59 ? 1.285   -4.253  1.446   1.00 5.47  ? 221 VAL A CG1 1 
ATOM   416 C  CG2 . VAL A 1 59 ? 0.581   -4.726  -0.917  1.00 6.44  ? 221 VAL A CG2 1 
ATOM   417 N  N   . CYS A 1 60 ? 0.849   -0.939  -1.442  1.00 6.01  ? 222 CYS A N   1 
ATOM   418 C  CA  . CYS A 1 60 ? 0.919   -0.284  -2.739  1.00 5.02  ? 222 CYS A CA  1 
ATOM   419 C  C   . CYS A 1 60 ? 1.392   -1.283  -3.806  1.00 6.50  ? 222 CYS A C   1 
ATOM   420 O  O   . CYS A 1 60 ? 1.844   -2.402  -3.502  1.00 6.09  ? 222 CYS A O   1 
ATOM   421 C  CB  . CYS A 1 60 ? 1.892   0.894   -2.673  1.00 7.54  ? 222 CYS A CB  1 
ATOM   422 S  SG  . CYS A 1 60 ? 3.677   0.434   -2.538  1.00 6.51  ? 222 CYS A SG  1 
ATOM   423 N  N   . ASP A 1 61 ? 1.245   -0.885  -5.067  1.00 6.81  ? 223 ASP A N   1 
ATOM   424 C  CA  . ASP A 1 61 ? 1.617   -1.757  -6.167  1.00 7.76  ? 223 ASP A CA  1 
ATOM   425 C  C   . ASP A 1 61 ? 3.070   -2.167  -6.185  1.00 7.94  ? 223 ASP A C   1 
ATOM   426 O  O   . ASP A 1 61 ? 3.405   -3.288  -6.570  1.00 8.74  ? 223 ASP A O   1 
ATOM   427 C  CB  . ASP A 1 61 ? 1.251   -1.139  -7.508  1.00 9.40  ? 223 ASP A CB  1 
ATOM   428 C  CG  . ASP A 1 61 ? -0.242  -0.942  -7.662  1.00 10.75 ? 223 ASP A CG  1 
ATOM   429 O  OD1 . ASP A 1 61 ? -0.995  -1.697  -7.008  1.00 10.82 ? 223 ASP A OD1 1 
ATOM   430 O  OD2 . ASP A 1 61 ? -0.670  -0.051  -8.459  1.00 14.30 ? 223 ASP A OD2 1 
ATOM   431 N  N   . SER A 1 62 ? 3.958   -1.261  -5.787  1.00 8.22  ? 224 SER A N   1 
ATOM   432 C  CA  . SER A 1 62 ? 5.372   -1.570  -5.745  1.00 9.54  ? 224 SER A CA  1 
ATOM   433 C  C   . SER A 1 62 ? 5.677   -2.667  -4.705  1.00 6.54  ? 224 SER A C   1 
ATOM   434 O  O   . SER A 1 62 ? 6.420   -3.612  -4.980  1.00 8.57  ? 224 SER A O   1 
ATOM   435 C  CB  . SER A 1 62 ? 6.174   -0.312  -5.420  1.00 10.39 ? 224 SER A CB  1 
ATOM   436 O  OG  . SER A 1 62 ? 7.551   -0.618  -5.265  1.00 13.21 ? 224 SER A OG  1 
ATOM   437 N  N   . CYS A 1 63 ? 5.127   -2.517  -3.496  1.00 6.61  ? 225 CYS A N   1 
ATOM   438 C  CA  . CYS A 1 63 ? 5.346   -3.498  -2.446  1.00 4.38  ? 225 CYS A CA  1 
ATOM   439 C  C   . CYS A 1 63 ? 4.673   -4.811  -2.808  1.00 5.95  ? 225 CYS A C   1 
ATOM   440 O  O   . CYS A 1 63 ? 5.192   -5.871  -2.491  1.00 5.93  ? 225 CYS A O   1 
ATOM   441 C  CB  . CYS A 1 63 ? 4.835   -2.973  -1.098  1.00 5.09  ? 225 CYS A CB  1 
ATOM   442 S  SG  . CYS A 1 63 ? 5.886   -1.601  -0.476  1.00 6.45  ? 225 CYS A SG  1 
ATOM   443 N  N   . PHE A 1 64 ? 3.542   -4.762  -3.501  1.00 5.47  ? 226 PHE A N   1 
ATOM   444 C  CA  . PHE A 1 64 ? 2.871   -5.983  -3.930  1.00 6.33  ? 226 PHE A CA  1 
ATOM   445 C  C   . PHE A 1 64 ? 3.763   -6.740  -4.925  1.00 6.50  ? 226 PHE A C   1 
ATOM   446 O  O   . PHE A 1 64 ? 3.889   -7.948  -4.826  1.00 6.03  ? 226 PHE A O   1 
ATOM   447 C  CB  . PHE A 1 64 ? 1.537   -5.643  -4.603  1.00 5.33  ? 226 PHE A CB  1 
ATOM   448 C  CG  . PHE A 1 64 ? 0.767   -6.866  -5.056  1.00 7.06  ? 226 PHE A CG  1 
ATOM   449 C  CD1 . PHE A 1 64 ? 0.286   -7.808  -4.130  1.00 6.13  ? 226 PHE A CD1 1 
ATOM   450 C  CD2 . PHE A 1 64 ? 0.525   -7.098  -6.416  1.00 7.34  ? 226 PHE A CD2 1 
ATOM   451 C  CE1 . PHE A 1 64 ? -0.407  -8.937  -4.579  1.00 7.06  ? 226 PHE A CE1 1 
ATOM   452 C  CE2 . PHE A 1 64 ? -0.170  -8.223  -6.840  1.00 7.48  ? 226 PHE A CE2 1 
ATOM   453 C  CZ  . PHE A 1 64 ? -0.626  -9.131  -5.937  1.00 7.07  ? 226 PHE A CZ  1 
ATOM   454 N  N   . GLU A 1 65 ? 4.379   -6.018  -5.860  1.00 7.19  ? 227 GLU A N   1 
ATOM   455 C  CA  . GLU A 1 65 ? 5.232   -6.671  -6.848  1.00 8.13  ? 227 GLU A CA  1 
ATOM   456 C  C   . GLU A 1 65 ? 6.412   -7.315  -6.150  1.00 7.53  ? 227 GLU A C   1 
ATOM   457 O  O   . GLU A 1 65 ? 6.797   -8.446  -6.473  1.00 8.50  ? 227 GLU A O   1 
ATOM   458 C  CB  . GLU A 1 65 ? 5.690   -5.649  -7.915  1.00 7.52  ? 227 GLU A CB  1 
ATOM   459 C  CG  . GLU A 1 65 ? 6.596   -6.262  -8.981  1.00 11.10 ? 227 GLU A CG  1 
ATOM   460 C  CD  . GLU A 1 65 ? 7.224   -5.223  -9.881  1.00 17.22 ? 227 GLU A CD  1 
ATOM   461 O  OE1 . GLU A 1 65 ? 8.149   -4.535  -9.413  1.00 21.59 ? 227 GLU A OE1 1 
ATOM   462 O  OE2 . GLU A 1 65 ? 6.798   -5.098  -11.039 1.00 17.51 ? 227 GLU A OE2 1 
ATOM   463 N  N   . ASP A 1 66 ? 6.997   -6.616  -5.186  1.00 7.62  ? 228 ASP A N   1 
ATOM   464 C  CA  . ASP A 1 66 ? 8.147   -7.151  -4.458  1.00 8.33  ? 228 ASP A CA  1 
ATOM   465 C  C   . ASP A 1 66 ? 7.772   -8.489  -3.835  1.00 7.96  ? 228 ASP A C   1 
ATOM   466 O  O   . ASP A 1 66 ? 8.541   -9.452  -3.881  1.00 8.98  ? 228 ASP A O   1 
ATOM   467 C  CB  . ASP A 1 66 ? 8.566   -6.226  -3.298  1.00 10.56 ? 228 ASP A CB  1 
ATOM   468 C  CG  . ASP A 1 66 ? 9.187   -4.925  -3.752  1.00 13.53 ? 228 ASP A CG  1 
ATOM   469 O  OD1 . ASP A 1 66 ? 9.573   -4.807  -4.921  1.00 14.50 ? 228 ASP A OD1 1 
ATOM   470 O  OD2 . ASP A 1 66 ? 9.300   -4.010  -2.899  1.00 16.52 ? 228 ASP A OD2 1 
ATOM   471 N  N   . TYR A 1 67 ? 6.611   -8.540  -3.196  1.00 7.90  ? 229 TYR A N   1 
ATOM   472 C  CA  . TYR A 1 67 ? 6.158   -9.739  -2.515  1.00 7.26  ? 229 TYR A CA  1 
ATOM   473 C  C   . TYR A 1 67 ? 5.871   -10.850 -3.499  1.00 7.34  ? 229 TYR A C   1 
ATOM   474 O  O   . TYR A 1 67 ? 6.268   -11.986 -3.278  1.00 7.42  ? 229 TYR A O   1 
ATOM   475 C  CB  . TYR A 1 67 ? 4.887   -9.407  -1.704  1.00 7.05  ? 229 TYR A CB  1 
ATOM   476 C  CG  . TYR A 1 67 ? 4.246   -10.602 -1.063  1.00 7.62  ? 229 TYR A CG  1 
ATOM   477 C  CD1 . TYR A 1 67 ? 4.677   -11.049 0.170   1.00 9.18  ? 229 TYR A CD1 1 
ATOM   478 C  CD2 . TYR A 1 67 ? 3.219   -11.298 -1.699  1.00 8.72  ? 229 TYR A CD2 1 
ATOM   479 C  CE1 . TYR A 1 67 ? 4.120   -12.155 0.764   1.00 7.68  ? 229 TYR A CE1 1 
ATOM   480 C  CE2 . TYR A 1 67 ? 2.648   -12.420 -1.094  1.00 7.46  ? 229 TYR A CE2 1 
ATOM   481 C  CZ  . TYR A 1 67 ? 3.102   -12.836 0.128   1.00 7.01  ? 229 TYR A CZ  1 
ATOM   482 O  OH  . TYR A 1 67 ? 2.492   -13.920 0.740   1.00 9.73  ? 229 TYR A OH  1 
ATOM   483 N  N   . GLU A 1 68 ? 5.170   -10.530 -4.568  1.00 6.58  ? 230 GLU A N   1 
ATOM   484 C  CA  . GLU A 1 68 ? 4.838   -11.514 -5.572  1.00 7.58  ? 230 GLU A CA  1 
ATOM   485 C  C   . GLU A 1 68 ? 6.098   -12.098 -6.186  1.00 6.58  ? 230 GLU A C   1 
ATOM   486 O  O   . GLU A 1 68 ? 6.152   -13.312 -6.427  1.00 8.08  ? 230 GLU A O   1 
ATOM   487 C  CB  . GLU A 1 68 ? 3.949   -10.901 -6.654  1.00 6.61  ? 230 GLU A CB  1 
ATOM   488 C  CG  . GLU A 1 68 ? 2.506   -10.728 -6.221  1.00 9.19  ? 230 GLU A CG  1 
ATOM   489 C  CD  . GLU A 1 68 ? 1.872   -12.056 -5.907  1.00 9.20  ? 230 GLU A CD  1 
ATOM   490 O  OE1 . GLU A 1 68 ? 1.784   -12.891 -6.831  1.00 12.50 ? 230 GLU A OE1 1 
ATOM   491 O  OE2 . GLU A 1 68 ? 1.484   -12.297 -4.751  1.00 13.07 ? 230 GLU A OE2 1 
ATOM   492 N  N   . PHE A 1 69 ? 7.105   -11.269 -6.440  1.00 6.84  ? 231 PHE A N   1 
ATOM   493 C  CA  . PHE A 1 69 ? 8.346   -11.806 -6.997  1.00 6.60  ? 231 PHE A CA  1 
ATOM   494 C  C   . PHE A 1 69 ? 8.960   -12.866 -6.067  1.00 7.75  ? 231 PHE A C   1 
ATOM   495 O  O   . PHE A 1 69 ? 9.473   -13.908 -6.535  1.00 8.63  ? 231 PHE A O   1 
ATOM   496 C  CB  . PHE A 1 69 ? 9.367   -10.696 -7.218  1.00 8.00  ? 231 PHE A CB  1 
ATOM   497 C  CG  . PHE A 1 69 ? 9.152   -9.901  -8.482  1.00 7.20  ? 231 PHE A CG  1 
ATOM   498 C  CD1 . PHE A 1 69 ? 8.206   -10.242 -9.417  1.00 8.70  ? 231 PHE A CD1 1 
ATOM   499 C  CD2 . PHE A 1 69 ? 9.928   -8.787  -8.710  1.00 8.56  ? 231 PHE A CD2 1 
ATOM   500 C  CE1 . PHE A 1 69 ? 8.038   -9.452  -10.584 1.00 10.47 ? 231 PHE A CE1 1 
ATOM   501 C  CE2 . PHE A 1 69 ? 9.761   -8.019  -9.855  1.00 11.13 ? 231 PHE A CE2 1 
ATOM   502 C  CZ  . PHE A 1 69 ? 8.823   -8.355  -10.775 1.00 11.04 ? 231 PHE A CZ  1 
ATOM   503 N  N   . ILE A 1 70 ? 8.943   -12.618 -4.757  1.00 7.13  ? 232 ILE A N   1 
ATOM   504 C  CA  . ILE A 1 70 ? 9.502   -13.565 -3.800  1.00 8.33  ? 232 ILE A CA  1 
ATOM   505 C  C   . ILE A 1 70 ? 8.699   -14.869 -3.801  1.00 8.59  ? 232 ILE A C   1 
ATOM   506 O  O   . ILE A 1 70 ? 9.280   -15.972 -3.806  1.00 11.63 ? 232 ILE A O   1 
ATOM   507 C  CB  . ILE A 1 70 ? 9.537   -12.938 -2.381  1.00 11.09 ? 232 ILE A CB  1 
ATOM   508 C  CG1 . ILE A 1 70 ? 10.617  -11.852 -2.345  1.00 12.16 ? 232 ILE A CG1 1 
ATOM   509 C  CG2 . ILE A 1 70 ? 9.756   -14.022 -1.318  1.00 14.04 ? 232 ILE A CG2 1 
ATOM   510 C  CD1 . ILE A 1 70 ? 10.680  -11.068 -1.083  1.00 19.24 ? 232 ILE A CD1 1 
ATOM   511 N  N   . VAL A 1 71 ? 7.371   -14.771 -3.805  1.00 8.88  ? 233 VAL A N   1 
ATOM   512 C  CA  . VAL A 1 71 ? 6.514   -15.944 -3.791  1.00 11.18 ? 233 VAL A CA  1 
ATOM   513 C  C   . VAL A 1 71 ? 6.721   -16.887 -4.968  1.00 11.13 ? 233 VAL A C   1 
ATOM   514 O  O   . VAL A 1 71 ? 6.754   -18.109 -4.774  1.00 13.66 ? 233 VAL A O   1 
ATOM   515 C  CB  . VAL A 1 71 ? 5.014   -15.537 -3.746  1.00 15.95 ? 233 VAL A CB  1 
ATOM   516 C  CG1 . VAL A 1 71 ? 4.129   -16.783 -3.875  1.00 17.42 ? 233 VAL A CG1 1 
ATOM   517 C  CG2 . VAL A 1 71 ? 4.729   -14.769 -2.453  1.00 20.30 ? 233 VAL A CG2 1 
ATOM   518 N  N   . THR A 1 72 ? 6.839   -16.348 -6.173  1.00 8.89  ? 234 THR A N   1 
ATOM   519 C  CA  . THR A 1 72 ? 6.984   -17.200 -7.338  1.00 9.51  ? 234 THR A CA  1 
ATOM   520 C  C   . THR A 1 72 ? 8.406   -17.369 -7.845  1.00 9.47  ? 234 THR A C   1 
ATOM   521 O  O   . THR A 1 72 ? 8.626   -17.954 -8.916  1.00 10.05 ? 234 THR A O   1 
ATOM   522 C  CB  . THR A 1 72 ? 6.080   -16.722 -8.533  1.00 11.03 ? 234 THR A CB  1 
ATOM   523 O  OG1 . THR A 1 72 ? 6.288   -15.326 -8.814  1.00 9.76  ? 234 THR A OG1 1 
ATOM   524 C  CG2 . THR A 1 72 ? 4.613   -16.943 -8.203  1.00 15.73 ? 234 THR A CG2 1 
ATOM   525 N  N   . ASP A 1 73 ? 9.379   -16.882 -7.090  1.00 7.29  ? 235 ASP A N   1 
ATOM   526 C  CA  . ASP A 1 73 ? 10.751  -17.002 -7.550  1.00 8.56  ? 235 ASP A CA  1 
ATOM   527 C  C   . ASP A 1 73 ? 11.141  -18.449 -7.902  1.00 9.13  ? 235 ASP A C   1 
ATOM   528 O  O   . ASP A 1 73 ? 11.041  -19.288 -7.007  1.00 11.00 ? 235 ASP A O   1 
ATOM   529 C  CB  . ASP A 1 73 ? 11.686  -16.464 -6.480  1.00 9.56  ? 235 ASP A CB  1 
ATOM   530 C  CG  . ASP A 1 73 ? 13.086  -16.336 -7.012  1.00 10.41 ? 235 ASP A CG  1 
ATOM   531 O  OD1 . ASP A 1 73 ? 13.579  -17.289 -7.660  1.00 10.71 ? 235 ASP A OD1 1 
ATOM   532 O  OD2 . ASP A 1 73 ? 13.685  -15.272 -6.884  1.00 12.52 ? 235 ASP A OD2 1 
HETATM 533 ZN ZN  . ZN  B 2 .  ? 4.370   0.183   -0.329  1.00 5.81  ? 300 ZN  A ZN  1 
HETATM 534 ZN ZN  . ZN  C 2 .  ? -3.106  6.962   -7.021  1.00 8.84  ? 301 ZN  A ZN  1 
HETATM 535 O  O   . HOH D 3 .  ? 6.216   5.026   -0.098  1.00 21.60 ? 1   HOH A O   1 
HETATM 536 O  O   . HOH D 3 .  ? 0.856   1.644   -9.235  1.00 27.66 ? 2   HOH A O   1 
HETATM 537 O  O   . HOH D 3 .  ? -5.448  14.650  3.220   1.00 25.69 ? 3   HOH A O   1 
HETATM 538 O  O   . HOH D 3 .  ? 8.862   -4.570  -0.309  1.00 21.76 ? 4   HOH A O   1 
HETATM 539 O  O   . HOH D 3 .  ? -3.672  -4.539  -8.965  1.00 26.51 ? 5   HOH A O   1 
HETATM 540 O  O   . HOH D 3 .  ? 0.732   -16.587 -6.973  1.00 30.73 ? 6   HOH A O   1 
HETATM 541 O  O   . HOH D 3 .  ? 12.564  -8.100  -2.044  1.00 26.72 ? 7   HOH A O   1 
HETATM 542 O  O   . HOH D 3 .  ? -6.588  -0.984  -9.271  1.00 28.48 ? 8   HOH A O   1 
HETATM 543 O  O   . HOH D 3 .  ? 4.199   1.830   12.111  1.00 28.54 ? 9   HOH A O   1 
HETATM 544 O  O   . HOH D 3 .  ? 1.444   16.040  0.228   1.00 28.82 ? 10  HOH A O   1 
HETATM 545 O  O   . HOH D 3 .  ? 1.405   15.328  -2.241  1.00 28.91 ? 11  HOH A O   1 
HETATM 546 O  O   . HOH D 3 .  ? 9.525   -1.489  3.430   1.00 30.24 ? 12  HOH A O   1 
HETATM 547 O  O   . HOH D 3 .  ? 11.424  -16.735 -2.279  1.00 31.53 ? 13  HOH A O   1 
HETATM 548 O  O   . HOH D 3 .  ? -14.775 3.719   1.903   1.00 30.14 ? 14  HOH A O   1 
HETATM 549 O  O   . HOH D 3 .  ? -11.322 8.477   -9.015  1.00 29.13 ? 15  HOH A O   1 
HETATM 550 O  O   . HOH D 3 .  ? -6.989  -0.956  4.352   1.00 11.65 ? 16  HOH A O   1 
HETATM 551 O  O   . HOH D 3 .  ? -1.955  -2.903  -4.341  1.00 12.14 ? 17  HOH A O   1 
HETATM 552 O  O   . HOH D 3 .  ? 8.681   -14.045 -9.254  1.00 11.90 ? 18  HOH A O   1 
HETATM 553 O  O   . HOH D 3 .  ? -6.241  15.884  0.136   1.00 26.60 ? 19  HOH A O   1 
HETATM 554 O  O   . HOH D 3 .  ? -0.537  -16.001 -2.645  1.00 18.91 ? 20  HOH A O   1 
HETATM 555 O  O   . HOH D 3 .  ? -7.101  -6.339  -1.291  1.00 16.63 ? 21  HOH A O   1 
HETATM 556 O  O   . HOH D 3 .  ? 2.107   -15.587 5.373   1.00 29.44 ? 22  HOH A O   1 
HETATM 557 O  O   . HOH D 3 .  ? -9.500  10.596  -10.874 1.00 19.19 ? 23  HOH A O   1 
HETATM 558 O  O   . HOH D 3 .  ? 5.469   3.094   -4.209  1.00 21.33 ? 24  HOH A O   1 
HETATM 559 O  O   . HOH D 3 .  ? 2.054   -4.732  -8.599  1.00 18.51 ? 25  HOH A O   1 
HETATM 560 O  O   . HOH D 3 .  ? 11.934  -13.379 -7.400  1.00 21.31 ? 26  HOH A O   1 
HETATM 561 O  O   . HOH D 3 .  ? -9.136  -3.348  -3.126  1.00 25.25 ? 27  HOH A O   1 
HETATM 562 O  O   . HOH D 3 .  ? -5.862  -3.291  -0.339  1.00 13.42 ? 28  HOH A O   1 
HETATM 563 O  O   . HOH D 3 .  ? -10.031 16.907  -0.275  1.00 28.47 ? 29  HOH A O   1 
HETATM 564 O  O   . HOH D 3 .  ? -7.149  -5.660  3.175   1.00 29.68 ? 30  HOH A O   1 
HETATM 565 O  O   . HOH D 3 .  ? -3.106  -1.435  -7.265  1.00 16.03 ? 31  HOH A O   1 
HETATM 566 O  O   . HOH D 3 .  ? 3.595   -15.096 2.975   1.00 22.43 ? 32  HOH A O   1 
HETATM 567 O  O   . HOH D 3 .  ? -16.311 16.310  -6.068  1.00 30.94 ? 33  HOH A O   1 
HETATM 568 O  O   . HOH D 3 .  ? -1.678  -10.019 -9.754  1.00 22.22 ? 34  HOH A O   1 
HETATM 569 O  O   . HOH D 3 .  ? -14.650 15.383  -0.480  1.00 29.51 ? 35  HOH A O   1 
HETATM 570 O  O   . HOH D 3 .  ? -5.398  -3.293  5.409   1.00 14.06 ? 36  HOH A O   1 
HETATM 571 O  O   . HOH D 3 .  ? -3.586  -9.282  -8.229  1.00 21.52 ? 37  HOH A O   1 
HETATM 572 O  O   . HOH D 3 .  ? 7.981   -0.459  -2.499  1.00 23.34 ? 38  HOH A O   1 
HETATM 573 O  O   . HOH D 3 .  ? 6.276   -14.576 2.926   1.00 24.43 ? 39  HOH A O   1 
HETATM 574 O  O   . HOH D 3 .  ? -3.931  8.799   8.167   1.00 29.18 ? 40  HOH A O   1 
HETATM 575 O  O   . HOH D 3 .  ? -5.445  7.387   -10.633 1.00 22.99 ? 41  HOH A O   1 
HETATM 576 O  O   . HOH D 3 .  ? 4.523   3.874   11.870  1.00 25.14 ? 42  HOH A O   1 
HETATM 577 O  O   . HOH D 3 .  ? 2.953   -0.850  8.700   1.00 19.64 ? 43  HOH A O   1 
HETATM 578 O  O   . HOH D 3 .  ? -12.267 3.610   1.220   1.00 29.24 ? 44  HOH A O   1 
HETATM 579 O  O   . HOH D 3 .  ? -14.451 15.215  -3.657  1.00 27.29 ? 45  HOH A O   1 
HETATM 580 O  O   . HOH D 3 .  ? -3.460  7.311   -12.914 1.00 29.19 ? 46  HOH A O   1 
HETATM 581 O  O   . HOH D 3 .  ? 2.102   12.046  -2.719  1.00 23.97 ? 47  HOH A O   1 
HETATM 582 O  O   . HOH D 3 .  ? 8.623   -2.622  11.460  1.00 28.56 ? 48  HOH A O   1 
HETATM 583 O  O   . HOH D 3 .  ? 5.223   -20.383 -5.412  1.00 29.90 ? 49  HOH A O   1 
HETATM 584 O  O   . HOH D 3 .  ? 7.305   -10.188 5.340   1.00 23.46 ? 50  HOH A O   1 
HETATM 585 O  O   . HOH D 3 .  ? -1.534  20.813  -0.381  1.00 22.84 ? 51  HOH A O   1 
HETATM 586 O  O   . HOH D 3 .  ? 2.362   13.419  -4.796  1.00 24.51 ? 52  HOH A O   1 
HETATM 587 O  O   . HOH D 3 .  ? 8.246   4.423   12.557  1.00 26.44 ? 53  HOH A O   1 
HETATM 588 O  O   . HOH D 3 .  ? -7.844  7.412   -7.598  1.00 26.83 ? 54  HOH A O   1 
HETATM 589 O  O   . HOH D 3 .  ? -10.710 4.557   -1.634  1.00 22.75 ? 55  HOH A O   1 
HETATM 590 O  O   . HOH D 3 .  ? 2.543   -19.968 -5.929  1.00 26.82 ? 56  HOH A O   1 
HETATM 591 O  O   . HOH D 3 .  ? 2.055   6.135   12.567  1.00 28.61 ? 57  HOH A O   1 
HETATM 592 O  O   . HOH D 3 .  ? 0.929   1.524   -5.960  1.00 19.88 ? 58  HOH A O   1 
HETATM 593 O  O   . HOH D 3 .  ? -5.813  12.927  7.109   1.00 22.27 ? 59  HOH A O   1 
HETATM 594 O  O   . HOH D 3 .  ? 11.712  -8.971  -4.727  1.00 27.72 ? 60  HOH A O   1 
HETATM 595 O  O   . HOH D 3 .  ? -12.776 5.889   -1.758  1.00 23.79 ? 61  HOH A O   1 
HETATM 596 O  O   . HOH D 3 .  ? 7.632   -5.104  3.389   1.00 29.75 ? 62  HOH A O   1 
HETATM 597 O  O   . HOH D 3 .  ? 6.057   -1.346  8.564   1.00 28.56 ? 63  HOH A O   1 
HETATM 598 O  O   . HOH D 3 .  ? -8.764  5.719   -6.279  1.00 14.01 ? 64  HOH A O   1 
HETATM 599 O  O   . HOH D 3 .  ? 9.170   -20.032 -5.221  1.00 25.19 ? 65  HOH A O   1 
HETATM 600 O  O   . HOH D 3 .  ? 1.114   -9.881  15.949  1.00 28.80 ? 66  HOH A O   1 
HETATM 601 O  O   . HOH D 3 .  ? 9.287   1.882   5.211   1.00 32.94 ? 67  HOH A O   1 
HETATM 602 O  O   . HOH D 3 .  ? 4.327   7.518   11.765  1.00 20.57 ? 68  HOH A O   1 
HETATM 603 O  O   . HOH D 3 .  ? -2.690  -0.185  -10.389 1.00 26.56 ? 69  HOH A O   1 
HETATM 604 O  O   . HOH D 3 .  ? 5.631   -10.078 3.205   1.00 11.46 ? 70  HOH A O   1 
HETATM 605 O  O   . HOH D 3 .  ? -0.645  8.087   9.754   1.00 29.30 ? 71  HOH A O   1 
HETATM 606 O  O   . HOH D 3 .  ? 0.624   -2.282  10.609  1.00 29.51 ? 72  HOH A O   1 
HETATM 607 O  O   . HOH D 3 .  ? 8.578   -2.558  6.353   1.00 31.28 ? 73  HOH A O   1 
HETATM 608 O  O   . HOH D 3 .  ? -2.791  2.653   -12.307 1.00 32.99 ? 74  HOH A O   1 
HETATM 609 O  O   . HOH D 3 .  ? 10.434  3.748   6.292   1.00 27.58 ? 75  HOH A O   1 
HETATM 610 O  O   . HOH D 3 .  ? -2.848  -17.287 9.050   1.00 27.31 ? 76  HOH A O   1 
HETATM 611 O  O   . HOH D 3 .  ? -12.327 7.825   -7.072  1.00 31.04 ? 77  HOH A O   1 
HETATM 612 O  O   . HOH D 3 .  ? 9.057   5.605   6.613   1.00 20.94 ? 78  HOH A O   1 
HETATM 613 O  O   . HOH D 3 .  ? -3.821  -3.067  8.638   1.00 24.37 ? 79  HOH A O   1 
HETATM 614 O  O   . HOH D 3 .  ? -8.373  -11.414 7.353   1.00 31.18 ? 80  HOH A O   1 
HETATM 615 O  O   . HOH D 3 .  ? 2.002   11.816  -9.641  1.00 28.69 ? 81  HOH A O   1 
HETATM 616 O  O   . HOH D 3 .  ? 0.182   -14.726 -4.828  1.00 21.08 ? 82  HOH A O   1 
HETATM 617 O  O   . HOH D 3 .  ? -1.491  -16.387 6.022   1.00 31.95 ? 83  HOH A O   1 
HETATM 618 O  O   . HOH D 3 .  ? 6.073   -6.153  0.321   1.00 19.07 ? 84  HOH A O   1 
HETATM 619 O  O   . HOH D 3 .  ? 8.352   9.209   -5.479  1.00 29.30 ? 85  HOH A O   1 
HETATM 620 O  O   . HOH D 3 .  ? 13.459  -14.205 -4.468  1.00 28.33 ? 86  HOH A O   1 
HETATM 621 O  O   . HOH D 3 .  ? -9.405  0.372   3.681   1.00 26.48 ? 87  HOH A O   1 
HETATM 622 O  O   . HOH D 3 .  ? -8.900  -8.093  2.455   1.00 29.87 ? 88  HOH A O   1 
HETATM 623 O  O   . HOH D 3 .  ? -8.764  6.272   -2.939  1.00 10.32 ? 89  HOH A O   1 
HETATM 624 O  O   . HOH D 3 .  ? -15.627 6.589   -0.465  1.00 31.60 ? 90  HOH A O   1 
HETATM 625 O  O   . HOH D 3 .  ? 6.700   -8.126  1.840   1.00 18.18 ? 91  HOH A O   1 
HETATM 626 O  O   . HOH D 3 .  ? 3.647   1.416   -5.956  1.00 18.05 ? 92  HOH A O   1 
HETATM 627 O  O   . HOH D 3 .  ? -5.615  -3.815  7.889   1.00 25.90 ? 94  HOH A O   1 
HETATM 628 O  O   . HOH D 3 .  ? -11.529 0.362   0.834   1.00 28.17 ? 95  HOH A O   1 
HETATM 629 O  O   . HOH D 3 .  ? -11.490 5.494   -4.723  1.00 26.81 ? 96  HOH A O   1 
HETATM 630 O  O   . HOH D 3 .  ? -4.202  11.307  7.655   1.00 28.76 ? 97  HOH A O   1 
HETATM 631 O  O   . HOH D 3 .  ? 5.674   5.674   -3.045  1.00 27.84 ? 99  HOH A O   1 
HETATM 632 O  O   . HOH D 3 .  ? 10.154  -6.133  -7.214  1.00 25.20 ? 100 HOH A O   1 
HETATM 633 O  O   . HOH D 3 .  ? -7.587  -9.476  5.334   1.00 29.61 ? 101 HOH A O   1 
HETATM 634 O  O   . HOH D 3 .  ? 10.526  -6.880  0.096   1.00 28.53 ? 102 HOH A O   1 
HETATM 635 O  O   . HOH D 3 .  ? 10.211  -3.445  12.219  1.00 29.14 ? 103 HOH A O   1 
HETATM 636 O  O   . HOH D 3 .  ? -3.635  15.028  4.499   1.00 25.87 ? 104 HOH A O   1 
HETATM 637 O  O   . HOH D 3 .  ? 3.012   -5.438  13.715  1.00 29.76 ? 105 HOH A O   1 
HETATM 638 O  O   . HOH D 3 .  ? -1.120  -3.634  10.003  1.00 29.95 ? 106 HOH A O   1 
HETATM 639 O  O   . HOH D 3 .  ? 11.643  -6.372  11.529  1.00 31.67 ? 107 HOH A O   1 
HETATM 640 O  O   . HOH D 3 .  ? 6.925   -12.369 3.173   1.00 27.98 ? 108 HOH A O   1 
HETATM 641 O  O   . HOH D 3 .  ? 5.496   10.699  -4.647  1.00 28.40 ? 109 HOH A O   1 
HETATM 642 O  O   . HOH D 3 .  ? -2.082  18.236  -3.079  1.00 28.84 ? 110 HOH A O   1 
HETATM 643 O  O   . HOH D 3 .  ? 8.794   4.021   2.930   1.00 27.54 ? 111 HOH A O   1 
# 
